data_7XPX
#
_entry.id   7XPX
#
_cell.length_a   1.00
_cell.length_b   1.00
_cell.length_c   1.00
_cell.angle_alpha   90.00
_cell.angle_beta   90.00
_cell.angle_gamma   90.00
#
_symmetry.space_group_name_H-M   'P 1'
#
loop_
_entity.id
_entity.type
_entity.pdbx_description
1 polymer 'Histone H3'
2 polymer 'Histone H4'
3 polymer 'Histone H2A'
4 polymer 'Histone H2B 1.1'
5 polymer 'DNA (145-MER)'
6 polymer 'DNA (145-MER)'
7 polymer 'N-lysine methyltransferase KMT5A'
8 non-polymer S-ADENOSYLMETHIONINE
#
loop_
_entity_poly.entity_id
_entity_poly.type
_entity_poly.pdbx_seq_one_letter_code
_entity_poly.pdbx_strand_id
1 'polypeptide(L)'
;ARTKQTARKSTGGKAPRKQLATKAARKSAPATGGVKKPHRYRPGTVALREIRRYQKSTELLIRKLPFQRLVREIAQDFKT
DLRFQSSAVMALQEASEAYLVALFEDTNLCAIHAKRVTIMPKDIQLARRIRGERA
;
A,E
2 'polypeptide(L)'
;SGRGKGGKGLGKGGAKRHR(ECX)VLRDNIQGITKPAIRRLARRGGVKRISGLIYEETRGVLKVFLENVIRDAVTYTEHA
KRKTVTAMDVVYALKRQGRTLYGFGG
;
B,F
3 'polypeptide(L)'
;SGRGKQGGKTRAKAKTRSSRAGLQFPVGRVHRLLRKGNYAERVGAGAPVYLAAVLEYLTAEILELAGNAARDNKKTRIIP
RHLQLAVRNDEELNKLLGRVTIAQGGVLPNIQSVLLPKKTESSKSAKSK
;
C,G
4 'polypeptide(L)'
;AKSAPAPKKGSKKAVTKTQKKDGKKRRKTRKESYAIYVYKVLKQVHPDTGISSKAMSIMNSFVNDVFERIAGEASRLAHY
NKRSTITSREIQTAVRLLLPGELAKHAVSEGTKAVTKYTSAK
;
D,H
5 'polydeoxyribonucleotide'
;(DA)(DT)(DC)(DA)(DC)(DA)(DA)(DT)(DC)(DC)(DC)(DG)(DG)(DT)(DG)(DC)(DC)(DG)(DA)(DG)
(DG)(DC)(DC)(DG)(DC)(DT)(DC)(DA)(DA)(DT)(DT)(DG)(DG)(DT)(DC)(DG)(DT)(DA)(DG)(DA)
(DC)(DA)(DG)(DC)(DT)(DC)(DT)(DA)(DG)(DC)(DA)(DC)(DC)(DG)(DC)(DT)(DT)(DA)(DA)(DA)
(DC)(DG)(DC)(DA)(DC)(DG)(DT)(DA)(DC)(DG)(DG)(DA)(DA)(DT)(DC)(DC)(DG)(DT)(DA)(DC)
(DG)(DT)(DG)(DC)(DG)(DT)(DT)(DT)(DA)(DA)(DG)(DC)(DG)(DG)(DT)(DG)(DC)(DT)(DA)(DG)
(DA)(DG)(DC)(DT)(DG)(DT)(DC)(DT)(DA)(DC)(DG)(DA)(DC)(DC)(DA)(DA)(DT)(DT)(DG)(DA)
(DG)(DC)(DG)(DG)(DC)(DC)(DT)(DC)(DG)(DG)(DC)(DA)(DC)(DC)(DG)(DG)(DG)(DA)(DT)(DT)
(DG)(DT)(DG)(DA)(DT)
;
I
6 'polydeoxyribonucleotide'
;(DA)(DT)(DC)(DA)(DC)(DA)(DA)(DT)(DC)(DC)(DC)(DG)(DG)(DT)(DG)(DC)(DC)(DG)(DA)(DG)
(DG)(DC)(DC)(DG)(DC)(DT)(DC)(DA)(DA)(DT)(DT)(DG)(DG)(DT)(DC)(DG)(DT)(DA)(DG)(DA)
(DC)(DA)(DG)(DC)(DT)(DC)(DT)(DA)(DG)(DC)(DA)(DC)(DC)(DG)(DC)(DT)(DT)(DA)(DA)(DA)
(DC)(DG)(DC)(DA)(DC)(DG)(DT)(DA)(DC)(DG)(DG)(DA)(DT)(DT)(DC)(DC)(DG)(DT)(DA)(DC)
(DG)(DT)(DG)(DC)(DG)(DT)(DT)(DT)(DA)(DA)(DG)(DC)(DG)(DG)(DT)(DG)(DC)(DT)(DA)(DG)
(DA)(DG)(DC)(DT)(DG)(DT)(DC)(DT)(DA)(DC)(DG)(DA)(DC)(DC)(DA)(DA)(DT)(DT)(DG)(DA)
(DG)(DC)(DG)(DG)(DC)(DC)(DT)(DC)(DG)(DG)(DC)(DA)(DC)(DC)(DG)(DG)(DG)(DA)(DT)(DT)
(DG)(DT)(DG)(DA)(DT)
;
J
7 'polypeptide(L)'
;MGSSHHHHHHSSENLYFQGHMAKQALKKPIKGKQAPRKKAQGKTQQNRKLTDFYPVRRSSRKSKAELQSEERKRIDELIE
SGKEEGMKIDLIDGKGRGVIATKQFSRGDFVVEYHGDLIEITDAKKREALYAQDPSTGCYMYYFQYLSKTYCVDATRETN
RLGRLINHSKCGNCQTKLHDIDGVPHLILIASRDIAAGEELLYDYGDRSKASIEAHPWLKH
;
K
#
# COMPACT_ATOMS: atom_id res chain seq x y z
N LYS A 36 8.32 -17.30 -54.16
CA LYS A 36 7.48 -17.78 -53.07
C LYS A 36 7.42 -16.76 -51.95
N LYS A 37 6.22 -16.29 -51.64
CA LYS A 37 6.06 -15.26 -50.62
C LYS A 37 6.42 -15.82 -49.25
N PRO A 38 7.26 -15.15 -48.47
CA PRO A 38 7.66 -15.67 -47.16
C PRO A 38 6.50 -15.72 -46.19
N HIS A 39 6.59 -16.64 -45.25
CA HIS A 39 5.52 -16.85 -44.27
C HIS A 39 5.57 -15.79 -43.19
N ARG A 40 4.39 -15.28 -42.84
CA ARG A 40 4.24 -14.33 -41.75
C ARG A 40 2.90 -14.58 -41.07
N TYR A 41 2.93 -14.68 -39.74
CA TYR A 41 1.72 -14.95 -38.98
C TYR A 41 0.82 -13.72 -38.95
N ARG A 42 -0.48 -13.95 -38.91
CA ARG A 42 -1.43 -12.85 -38.81
C ARG A 42 -1.22 -12.14 -37.46
N PRO A 43 -1.37 -10.82 -37.43
CA PRO A 43 -1.14 -10.10 -36.17
C PRO A 43 -2.06 -10.58 -35.07
N GLY A 44 -1.45 -10.96 -33.95
CA GLY A 44 -2.21 -11.41 -32.79
C GLY A 44 -1.92 -12.83 -32.35
N THR A 45 -1.76 -13.77 -33.29
CA THR A 45 -1.57 -15.16 -32.90
C THR A 45 -0.26 -15.38 -32.17
N VAL A 46 0.80 -14.66 -32.58
CA VAL A 46 2.05 -14.72 -31.84
C VAL A 46 1.87 -14.13 -30.45
N ALA A 47 1.03 -13.10 -30.34
CA ALA A 47 0.71 -12.56 -29.01
C ALA A 47 0.00 -13.59 -28.16
N LEU A 48 -0.94 -14.36 -28.73
CA LEU A 48 -1.58 -15.43 -27.98
C LEU A 48 -0.56 -16.48 -27.53
N ARG A 49 0.36 -16.85 -28.42
CA ARG A 49 1.37 -17.84 -28.06
C ARG A 49 2.26 -17.32 -26.94
N GLU A 50 2.64 -16.04 -27.00
CA GLU A 50 3.43 -15.45 -25.92
C GLU A 50 2.66 -15.44 -24.62
N ILE A 51 1.36 -15.11 -24.68
CA ILE A 51 0.53 -15.14 -23.48
C ILE A 51 0.55 -16.54 -22.88
N ARG A 52 0.34 -17.56 -23.71
CA ARG A 52 0.29 -18.93 -23.21
C ARG A 52 1.62 -19.34 -22.60
N ARG A 53 2.73 -19.06 -23.28
CA ARG A 53 4.03 -19.50 -22.76
C ARG A 53 4.39 -18.76 -21.47
N TYR A 54 4.11 -17.46 -21.39
CA TYR A 54 4.50 -16.70 -20.23
C TYR A 54 3.56 -16.89 -19.05
N GLN A 55 2.32 -17.35 -19.31
CA GLN A 55 1.45 -17.75 -18.22
C GLN A 55 1.74 -19.17 -17.77
N LYS A 56 2.29 -20.01 -18.64
CA LYS A 56 2.67 -21.35 -18.24
C LYS A 56 3.94 -21.35 -17.39
N SER A 57 4.85 -20.42 -17.64
CA SER A 57 6.15 -20.37 -16.98
C SER A 57 6.07 -19.53 -15.71
N THR A 58 7.16 -19.61 -14.92
CA THR A 58 7.25 -18.89 -13.65
C THR A 58 8.53 -18.07 -13.56
N GLU A 59 9.38 -18.12 -14.59
CA GLU A 59 10.63 -17.38 -14.57
C GLU A 59 10.38 -15.88 -14.56
N LEU A 60 11.28 -15.15 -13.91
CA LEU A 60 11.16 -13.70 -13.84
C LEU A 60 11.28 -13.10 -15.24
N LEU A 61 10.44 -12.11 -15.52
CA LEU A 61 10.38 -11.52 -16.85
C LEU A 61 11.20 -10.25 -16.99
N ILE A 62 11.56 -9.60 -15.89
CA ILE A 62 12.45 -8.45 -15.91
C ILE A 62 13.88 -8.95 -15.75
N ARG A 63 14.81 -8.34 -16.47
CA ARG A 63 16.20 -8.73 -16.37
C ARG A 63 16.73 -8.43 -14.97
N LYS A 64 17.63 -9.30 -14.49
CA LYS A 64 18.06 -9.24 -13.09
C LYS A 64 18.91 -8.01 -12.81
N LEU A 65 19.99 -7.84 -13.58
CA LEU A 65 20.93 -6.75 -13.32
C LEU A 65 20.31 -5.36 -13.50
N PRO A 66 19.52 -5.09 -14.55
CA PRO A 66 18.82 -3.81 -14.61
C PRO A 66 17.92 -3.56 -13.41
N PHE A 67 17.27 -4.61 -12.89
CA PHE A 67 16.46 -4.44 -11.70
C PHE A 67 17.33 -4.13 -10.48
N GLN A 68 18.48 -4.79 -10.36
CA GLN A 68 19.46 -4.42 -9.35
C GLN A 68 19.76 -2.94 -9.40
N ARG A 69 20.09 -2.45 -10.59
CA ARG A 69 20.50 -1.06 -10.76
C ARG A 69 19.35 -0.11 -10.42
N LEU A 70 18.14 -0.44 -10.86
CA LEU A 70 17.00 0.43 -10.59
C LEU A 70 16.70 0.48 -9.10
N VAL A 71 16.78 -0.68 -8.41
CA VAL A 71 16.54 -0.72 -6.98
C VAL A 71 17.58 0.11 -6.25
N ARG A 72 18.85 -0.02 -6.63
CA ARG A 72 19.91 0.71 -5.94
C ARG A 72 19.80 2.21 -6.20
N GLU A 73 19.46 2.60 -7.42
CA GLU A 73 19.32 4.01 -7.75
C GLU A 73 18.12 4.62 -7.05
N ILE A 74 17.05 3.85 -6.90
CA ILE A 74 15.83 4.36 -6.29
C ILE A 74 15.93 4.33 -4.77
N ALA A 75 16.80 3.48 -4.22
CA ALA A 75 17.04 3.42 -2.78
C ALA A 75 18.10 4.41 -2.34
N GLN A 76 18.81 5.03 -3.27
CA GLN A 76 19.85 5.99 -2.93
C GLN A 76 19.28 7.35 -2.54
N ASP A 77 18.00 7.58 -2.79
CA ASP A 77 17.32 8.79 -2.32
C ASP A 77 16.91 8.68 -0.86
N PHE A 78 16.98 7.49 -0.28
CA PHE A 78 16.52 7.26 1.08
C PHE A 78 17.67 7.11 2.06
N LYS A 79 18.70 6.35 1.70
CA LYS A 79 19.87 6.19 2.57
C LYS A 79 21.08 5.93 1.68
N THR A 80 22.08 6.80 1.79
CA THR A 80 23.28 6.69 0.97
C THR A 80 24.16 5.54 1.46
N ASP A 81 24.88 4.93 0.51
CA ASP A 81 25.82 3.85 0.80
C ASP A 81 25.11 2.61 1.34
N LEU A 82 23.92 2.32 0.83
CA LEU A 82 23.21 1.13 1.24
C LEU A 82 23.79 -0.11 0.59
N ARG A 83 23.47 -1.27 1.17
CA ARG A 83 23.74 -2.56 0.57
C ARG A 83 22.46 -3.37 0.54
N PHE A 84 22.39 -4.29 -0.42
CA PHE A 84 21.23 -5.14 -0.60
C PHE A 84 21.67 -6.59 -0.61
N GLN A 85 21.00 -7.43 0.17
CA GLN A 85 21.18 -8.86 0.02
C GLN A 85 20.67 -9.28 -1.35
N SER A 86 21.28 -10.34 -1.89
CA SER A 86 20.79 -10.88 -3.16
C SER A 86 19.34 -11.33 -3.03
N SER A 87 19.02 -11.99 -1.92
CA SER A 87 17.63 -12.40 -1.67
C SER A 87 16.72 -11.21 -1.52
N ALA A 88 17.24 -10.07 -1.06
CA ALA A 88 16.41 -8.86 -0.93
C ALA A 88 15.96 -8.36 -2.29
N VAL A 89 16.88 -8.25 -3.23
CA VAL A 89 16.49 -7.82 -4.56
C VAL A 89 15.67 -8.90 -5.25
N MET A 90 15.92 -10.17 -4.92
CA MET A 90 15.05 -11.24 -5.41
C MET A 90 13.61 -11.02 -4.96
N ALA A 91 13.42 -10.72 -3.67
CA ALA A 91 12.08 -10.47 -3.15
C ALA A 91 11.45 -9.25 -3.79
N LEU A 92 12.24 -8.18 -3.96
CA LEU A 92 11.73 -6.99 -4.62
C LEU A 92 11.29 -7.30 -6.05
N GLN A 93 12.09 -8.09 -6.77
CA GLN A 93 11.75 -8.43 -8.15
C GLN A 93 10.48 -9.26 -8.21
N GLU A 94 10.36 -10.27 -7.34
CA GLU A 94 9.15 -11.09 -7.33
C GLU A 94 7.92 -10.24 -7.01
N ALA A 95 8.04 -9.40 -5.99
CA ALA A 95 6.93 -8.53 -5.58
C ALA A 95 6.55 -7.59 -6.71
N SER A 96 7.54 -6.91 -7.28
CA SER A 96 7.30 -5.98 -8.38
C SER A 96 6.62 -6.68 -9.55
N GLU A 97 7.18 -7.82 -9.95
CA GLU A 97 6.63 -8.59 -11.06
C GLU A 97 5.16 -8.92 -10.81
N ALA A 98 4.89 -9.51 -9.66
CA ALA A 98 3.53 -9.88 -9.28
C ALA A 98 2.60 -8.67 -9.30
N TYR A 99 3.06 -7.54 -8.78
CA TYR A 99 2.28 -6.32 -8.79
C TYR A 99 1.95 -5.88 -10.20
N LEU A 100 2.95 -5.88 -11.08
CA LEU A 100 2.72 -5.44 -12.45
C LEU A 100 1.84 -6.42 -13.22
N VAL A 101 1.95 -7.72 -12.94
CA VAL A 101 1.09 -8.68 -13.61
C VAL A 101 -0.37 -8.51 -13.17
N ALA A 102 -0.59 -8.32 -11.86
CA ALA A 102 -1.95 -8.04 -11.41
C ALA A 102 -2.48 -6.74 -11.95
N LEU A 103 -1.63 -5.71 -12.00
CA LEU A 103 -2.03 -4.43 -12.58
C LEU A 103 -2.37 -4.58 -14.05
N PHE A 104 -1.61 -5.38 -14.79
CA PHE A 104 -1.88 -5.57 -16.21
C PHE A 104 -3.12 -6.41 -16.44
N GLU A 105 -3.42 -7.34 -15.54
CA GLU A 105 -4.68 -8.08 -15.65
C GLU A 105 -5.87 -7.14 -15.44
N ASP A 106 -5.78 -6.28 -14.42
CA ASP A 106 -6.83 -5.28 -14.20
C ASP A 106 -6.92 -4.32 -15.37
N THR A 107 -5.77 -3.94 -15.93
CA THR A 107 -5.74 -3.05 -17.10
C THR A 107 -6.40 -3.70 -18.30
N ASN A 108 -6.14 -4.99 -18.52
CA ASN A 108 -6.79 -5.71 -19.61
C ASN A 108 -8.29 -5.76 -19.40
N LEU A 109 -8.73 -5.96 -18.17
CA LEU A 109 -10.18 -5.95 -17.90
C LEU A 109 -10.77 -4.58 -18.19
N CYS A 110 -10.07 -3.51 -17.78
CA CYS A 110 -10.56 -2.16 -18.04
C CYS A 110 -10.58 -1.85 -19.53
N ALA A 111 -9.64 -2.44 -20.28
CA ALA A 111 -9.63 -2.25 -21.73
C ALA A 111 -10.79 -2.98 -22.39
N ILE A 112 -11.04 -4.23 -21.98
CA ILE A 112 -12.15 -5.00 -22.52
C ILE A 112 -13.47 -4.33 -22.20
N HIS A 113 -13.55 -3.71 -21.02
CA HIS A 113 -14.77 -2.99 -20.65
C HIS A 113 -15.04 -1.85 -21.62
N ALA A 114 -13.99 -1.20 -22.12
CA ALA A 114 -14.13 -0.10 -23.06
C ALA A 114 -14.25 -0.57 -24.51
N LYS A 115 -14.64 -1.83 -24.72
CA LYS A 115 -14.79 -2.41 -26.06
C LYS A 115 -13.51 -2.27 -26.87
N ARG A 116 -12.37 -2.55 -26.25
CA ARG A 116 -11.07 -2.48 -26.91
C ARG A 116 -10.31 -3.77 -26.62
N VAL A 117 -9.26 -3.97 -27.40
CA VAL A 117 -8.29 -5.03 -27.14
C VAL A 117 -6.94 -4.47 -26.73
N THR A 118 -6.57 -3.30 -27.23
CA THR A 118 -5.35 -2.62 -26.80
C THR A 118 -5.51 -2.11 -25.38
N ILE A 119 -4.47 -2.25 -24.57
CA ILE A 119 -4.43 -1.58 -23.28
C ILE A 119 -3.79 -0.22 -23.45
N MET A 120 -4.45 0.81 -22.96
CA MET A 120 -4.01 2.20 -23.08
C MET A 120 -3.66 2.73 -21.70
N PRO A 121 -2.86 3.81 -21.63
CA PRO A 121 -2.50 4.34 -20.30
C PRO A 121 -3.69 4.68 -19.44
N LYS A 122 -4.78 5.18 -20.06
CA LYS A 122 -5.98 5.48 -19.29
C LYS A 122 -6.53 4.24 -18.61
N ASP A 123 -6.33 3.06 -19.21
CA ASP A 123 -6.76 1.83 -18.57
C ASP A 123 -6.00 1.57 -17.28
N ILE A 124 -4.68 1.79 -17.30
CA ILE A 124 -3.88 1.66 -16.09
C ILE A 124 -4.30 2.69 -15.06
N GLN A 125 -4.56 3.93 -15.49
CA GLN A 125 -5.01 4.95 -14.56
C GLN A 125 -6.32 4.56 -13.89
N LEU A 126 -7.28 4.04 -14.68
CA LEU A 126 -8.55 3.61 -14.10
C LEU A 126 -8.36 2.45 -13.14
N ALA A 127 -7.53 1.48 -13.51
CA ALA A 127 -7.31 0.34 -12.63
C ALA A 127 -6.72 0.77 -11.30
N ARG A 128 -5.73 1.66 -11.33
CA ARG A 128 -5.10 2.11 -10.10
C ARG A 128 -6.00 3.02 -9.30
N ARG A 129 -6.84 3.82 -9.97
CA ARG A 129 -7.81 4.65 -9.26
C ARG A 129 -8.82 3.77 -8.52
N ILE A 130 -9.30 2.72 -9.17
CA ILE A 130 -10.29 1.85 -8.53
C ILE A 130 -9.64 1.04 -7.41
N ARG A 131 -8.41 0.55 -7.63
CA ARG A 131 -7.73 -0.22 -6.60
C ARG A 131 -7.44 0.59 -5.35
N GLY A 132 -7.50 1.91 -5.44
CA GLY A 132 -7.22 2.77 -4.30
C GLY A 132 -5.81 3.28 -4.21
N GLU A 133 -4.96 2.99 -5.20
CA GLU A 133 -3.59 3.48 -5.19
C GLU A 133 -3.52 4.97 -5.53
N ARG A 134 -4.44 5.46 -6.33
CA ARG A 134 -4.44 6.88 -6.71
C ARG A 134 -5.81 7.51 -6.46
N ARG B 17 32.95 11.11 -33.29
CA ARG B 17 32.36 9.81 -32.96
C ARG B 17 31.62 9.86 -31.63
N HIS B 18 31.74 8.77 -30.85
CA HIS B 18 31.15 8.63 -29.52
C HIS B 18 29.63 8.55 -29.59
N ARG B 19 29.03 8.03 -28.51
CA ARG B 19 27.59 7.90 -28.40
C ARG B 19 27.11 8.49 -27.08
N VAL B 21 25.22 9.84 -24.35
CA VAL B 21 23.82 9.87 -23.99
C VAL B 21 23.66 9.52 -22.51
N LEU B 22 22.74 10.19 -21.83
CA LEU B 22 22.47 9.89 -20.43
C LEU B 22 21.84 8.50 -20.33
N ARG B 23 22.25 7.73 -19.34
CA ARG B 23 21.60 6.47 -19.03
C ARG B 23 20.92 6.59 -17.68
N ASP B 24 19.65 6.22 -17.62
CA ASP B 24 18.90 6.15 -16.39
C ASP B 24 18.31 4.74 -16.21
N ASN B 25 18.34 4.29 -14.96
CA ASN B 25 18.06 2.90 -14.64
C ASN B 25 16.60 2.51 -14.82
N ILE B 26 15.70 3.49 -14.92
CA ILE B 26 14.30 3.15 -15.16
C ILE B 26 14.11 2.56 -16.55
N GLN B 27 14.97 2.94 -17.51
CA GLN B 27 14.91 2.34 -18.84
C GLN B 27 15.44 0.91 -18.86
N GLY B 28 16.07 0.45 -17.78
CA GLY B 28 16.47 -0.94 -17.68
C GLY B 28 15.29 -1.89 -17.68
N ILE B 29 14.11 -1.41 -17.31
CA ILE B 29 12.88 -2.16 -17.48
C ILE B 29 12.45 -1.95 -18.93
N THR B 30 12.96 -2.78 -19.82
CA THR B 30 12.87 -2.53 -21.25
C THR B 30 11.46 -2.75 -21.77
N LYS B 31 11.22 -2.24 -22.98
CA LYS B 31 9.94 -2.44 -23.67
C LYS B 31 9.57 -3.91 -23.84
N PRO B 32 10.46 -4.80 -24.31
CA PRO B 32 10.09 -6.23 -24.34
C PRO B 32 9.83 -6.82 -22.96
N ALA B 33 10.52 -6.36 -21.91
CA ALA B 33 10.23 -6.88 -20.58
C ALA B 33 8.82 -6.48 -20.14
N ILE B 34 8.44 -5.23 -20.40
CA ILE B 34 7.06 -4.79 -20.11
C ILE B 34 6.08 -5.60 -20.93
N ARG B 35 6.42 -5.88 -22.19
CA ARG B 35 5.54 -6.69 -23.03
C ARG B 35 5.35 -8.07 -22.43
N ARG B 36 6.43 -8.68 -21.95
CA ARG B 36 6.34 -10.00 -21.31
C ARG B 36 5.47 -9.94 -20.06
N LEU B 37 5.66 -8.90 -19.25
CA LEU B 37 4.85 -8.75 -18.04
C LEU B 37 3.38 -8.61 -18.37
N ALA B 38 3.06 -7.90 -19.46
CA ALA B 38 1.67 -7.75 -19.87
C ALA B 38 1.13 -9.06 -20.45
N ARG B 39 1.97 -9.82 -21.15
CA ARG B 39 1.55 -11.12 -21.67
C ARG B 39 1.19 -12.06 -20.53
N ARG B 40 1.99 -12.06 -19.46
CA ARG B 40 1.66 -12.89 -18.31
C ARG B 40 0.35 -12.47 -17.67
N GLY B 41 -0.02 -11.19 -17.79
CA GLY B 41 -1.32 -10.74 -17.39
C GLY B 41 -2.42 -11.01 -18.39
N GLY B 42 -2.08 -11.53 -19.56
CA GLY B 42 -3.07 -11.88 -20.56
C GLY B 42 -3.47 -10.75 -21.48
N VAL B 43 -2.50 -9.97 -21.96
CA VAL B 43 -2.78 -8.81 -22.81
C VAL B 43 -2.32 -9.14 -24.23
N LYS B 44 -3.26 -9.14 -25.18
CA LYS B 44 -2.90 -9.34 -26.58
C LYS B 44 -2.15 -8.15 -27.15
N ARG B 45 -2.69 -6.95 -26.94
CA ARG B 45 -2.31 -5.76 -27.70
C ARG B 45 -1.98 -4.66 -26.71
N ILE B 46 -0.87 -3.97 -26.95
CA ILE B 46 -0.32 -3.00 -26.01
C ILE B 46 -0.09 -1.69 -26.75
N SER B 47 -0.63 -0.60 -26.22
CA SER B 47 -0.33 0.72 -26.75
C SER B 47 1.13 1.09 -26.47
N GLY B 48 1.71 1.86 -27.38
CA GLY B 48 3.09 2.27 -27.20
C GLY B 48 3.30 3.19 -26.02
N LEU B 49 2.25 3.87 -25.57
CA LEU B 49 2.36 4.76 -24.42
C LEU B 49 2.28 4.02 -23.09
N ILE B 50 2.01 2.71 -23.10
CA ILE B 50 1.98 1.94 -21.87
C ILE B 50 3.35 1.97 -21.19
N TYR B 51 4.41 1.73 -21.97
CA TYR B 51 5.72 1.42 -21.39
C TYR B 51 6.15 2.50 -20.42
N GLU B 52 6.34 3.73 -20.90
CA GLU B 52 6.68 4.82 -20.00
C GLU B 52 5.73 4.86 -18.81
N GLU B 53 4.43 4.85 -19.09
CA GLU B 53 3.45 4.87 -18.01
C GLU B 53 3.72 3.75 -17.01
N THR B 54 3.82 2.51 -17.48
CA THR B 54 4.02 1.43 -16.52
C THR B 54 5.41 1.54 -15.90
N ARG B 55 6.40 2.01 -16.66
CA ARG B 55 7.68 2.28 -16.04
C ARG B 55 7.48 3.17 -14.82
N GLY B 56 6.76 4.26 -15.00
CA GLY B 56 6.51 5.15 -13.88
C GLY B 56 5.86 4.42 -12.72
N VAL B 57 4.83 3.61 -13.01
CA VAL B 57 4.12 2.98 -11.90
C VAL B 57 5.05 2.04 -11.17
N LEU B 58 5.90 1.31 -11.90
CA LEU B 58 6.86 0.45 -11.24
C LEU B 58 7.70 1.26 -10.28
N LYS B 59 8.24 2.39 -10.77
CA LYS B 59 9.03 3.26 -9.91
C LYS B 59 8.25 3.63 -8.67
N VAL B 60 6.99 4.05 -8.84
CA VAL B 60 6.19 4.42 -7.69
C VAL B 60 6.11 3.27 -6.70
N PHE B 61 5.77 2.08 -7.19
CA PHE B 61 5.71 0.92 -6.32
C PHE B 61 7.02 0.74 -5.59
N LEU B 62 8.13 0.76 -6.32
CA LEU B 62 9.42 0.61 -5.68
C LEU B 62 9.64 1.70 -4.65
N GLU B 63 9.34 2.96 -5.03
CA GLU B 63 9.57 4.08 -4.12
C GLU B 63 8.85 3.85 -2.80
N ASN B 64 7.73 3.13 -2.85
CA ASN B 64 7.06 2.79 -1.60
C ASN B 64 7.84 1.71 -0.85
N VAL B 65 7.95 0.52 -1.46
CA VAL B 65 8.36 -0.66 -0.69
C VAL B 65 9.76 -0.46 -0.15
N ILE B 66 10.69 -0.09 -1.02
CA ILE B 66 12.07 0.10 -0.59
C ILE B 66 12.14 1.12 0.52
N ARG B 67 11.39 2.22 0.41
CA ARG B 67 11.40 3.20 1.49
C ARG B 67 11.02 2.53 2.80
N ASP B 68 9.88 1.84 2.81
CA ASP B 68 9.52 1.09 4.02
C ASP B 68 10.65 0.14 4.38
N ALA B 69 11.15 -0.60 3.38
CA ALA B 69 12.25 -1.53 3.62
C ALA B 69 13.43 -0.80 4.25
N VAL B 70 13.85 0.33 3.66
CA VAL B 70 15.05 0.96 4.19
C VAL B 70 14.77 1.50 5.58
N THR B 71 13.53 1.92 5.86
CA THR B 71 13.20 2.35 7.20
C THR B 71 13.46 1.24 8.20
N TYR B 72 13.07 0.01 7.84
CA TYR B 72 13.37 -1.14 8.68
C TYR B 72 14.88 -1.27 8.88
N THR B 73 15.64 -1.15 7.79
CA THR B 73 17.09 -1.24 7.91
C THR B 73 17.64 -0.13 8.79
N GLU B 74 16.97 1.03 8.79
CA GLU B 74 17.43 2.13 9.63
C GLU B 74 17.15 1.83 11.10
N HIS B 75 16.09 1.09 11.38
CA HIS B 75 15.75 0.84 12.78
C HIS B 75 16.67 -0.20 13.40
N ALA B 76 17.00 -1.25 12.63
CA ALA B 76 17.91 -2.28 13.11
C ALA B 76 19.37 -1.84 13.12
N LYS B 77 19.64 -0.58 12.74
CA LYS B 77 21.00 -0.06 12.67
C LYS B 77 21.87 -0.91 11.75
N ARG B 78 21.30 -1.36 10.64
CA ARG B 78 21.99 -2.14 9.64
C ARG B 78 22.24 -1.28 8.40
N LYS B 79 23.35 -1.57 7.72
CA LYS B 79 23.67 -0.93 6.45
C LYS B 79 23.28 -1.78 5.25
N THR B 80 22.74 -2.97 5.48
CA THR B 80 22.33 -3.88 4.42
C THR B 80 20.82 -4.08 4.46
N VAL B 81 20.18 -3.86 3.32
CA VAL B 81 18.74 -4.12 3.19
C VAL B 81 18.57 -5.61 2.98
N THR B 82 18.08 -6.31 4.01
CA THR B 82 17.93 -7.75 3.95
C THR B 82 16.62 -8.14 3.28
N ALA B 83 16.52 -9.42 2.93
CA ALA B 83 15.28 -9.94 2.35
C ALA B 83 14.13 -9.84 3.33
N MET B 84 14.40 -10.09 4.62
CA MET B 84 13.34 -10.03 5.62
C MET B 84 12.79 -8.61 5.73
N ASP B 85 13.64 -7.61 5.54
CA ASP B 85 13.18 -6.23 5.56
C ASP B 85 12.22 -5.95 4.43
N VAL B 86 12.51 -6.46 3.24
CA VAL B 86 11.60 -6.31 2.11
C VAL B 86 10.30 -7.06 2.36
N VAL B 87 10.39 -8.25 2.97
CA VAL B 87 9.18 -9.01 3.28
C VAL B 87 8.30 -8.23 4.26
N TYR B 88 8.92 -7.63 5.28
CA TYR B 88 8.17 -6.80 6.22
C TYR B 88 7.55 -5.59 5.52
N ALA B 89 8.31 -4.94 4.64
CA ALA B 89 7.80 -3.77 3.94
C ALA B 89 6.61 -4.13 3.06
N LEU B 90 6.65 -5.30 2.44
CA LEU B 90 5.53 -5.73 1.61
C LEU B 90 4.33 -6.13 2.46
N LYS B 91 4.57 -6.85 3.56
CA LYS B 91 3.48 -7.23 4.45
C LYS B 91 2.79 -6.01 5.03
N ARG B 92 3.54 -4.94 5.25
CA ARG B 92 2.93 -3.70 5.73
C ARG B 92 1.91 -3.16 4.73
N GLN B 93 2.23 -3.23 3.44
CA GLN B 93 1.38 -2.68 2.39
C GLN B 93 0.28 -3.65 1.96
N GLY B 94 0.00 -4.67 2.77
CA GLY B 94 -0.98 -5.67 2.38
C GLY B 94 -0.60 -6.45 1.15
N ARG B 95 0.69 -6.72 0.98
CA ARG B 95 1.23 -7.44 -0.17
C ARG B 95 2.17 -8.54 0.29
N THR B 96 1.67 -9.36 1.22
CA THR B 96 2.49 -10.39 1.86
C THR B 96 3.14 -11.30 0.82
N LEU B 97 4.42 -11.59 1.03
CA LEU B 97 5.22 -12.38 0.09
C LEU B 97 5.66 -13.67 0.76
N TYR B 98 5.38 -14.79 0.12
CA TYR B 98 5.73 -16.10 0.64
C TYR B 98 6.97 -16.64 -0.06
N GLY B 99 7.77 -17.39 0.70
CA GLY B 99 8.94 -18.04 0.17
C GLY B 99 10.26 -17.34 0.44
N PHE B 100 10.23 -16.15 1.04
CA PHE B 100 11.44 -15.42 1.35
C PHE B 100 11.68 -15.28 2.84
N GLY B 101 10.75 -15.72 3.67
CA GLY B 101 10.95 -15.66 5.10
C GLY B 101 11.95 -16.69 5.57
N GLY B 102 12.50 -16.45 6.76
CA GLY B 102 13.47 -17.36 7.35
C GLY B 102 14.85 -17.28 6.71
N ARG C 11 7.64 16.02 49.89
CA ARG C 11 7.75 15.65 48.49
C ARG C 11 7.84 16.89 47.60
N ALA C 12 8.13 16.66 46.31
CA ALA C 12 8.17 17.75 45.35
C ALA C 12 6.81 17.93 44.70
N LYS C 13 6.66 19.04 43.98
CA LYS C 13 5.42 19.32 43.29
C LYS C 13 5.22 18.35 42.14
N ALA C 14 4.01 17.82 42.01
CA ALA C 14 3.67 16.92 40.90
C ALA C 14 3.42 17.75 39.66
N LYS C 15 4.27 17.57 38.64
CA LYS C 15 4.18 18.35 37.41
C LYS C 15 3.72 17.50 36.22
N THR C 16 3.16 16.32 36.47
CA THR C 16 2.74 15.38 35.42
C THR C 16 3.86 15.09 34.44
N ARG C 17 3.51 14.66 33.24
CA ARG C 17 4.47 14.42 32.18
C ARG C 17 4.12 15.10 30.86
N SER C 18 2.85 15.41 30.62
CA SER C 18 2.51 16.22 29.46
C SER C 18 3.09 17.63 29.57
N SER C 19 3.06 18.20 30.77
CA SER C 19 3.61 19.53 30.97
C SER C 19 5.13 19.53 30.84
N ARG C 20 5.77 18.42 31.21
CA ARG C 20 7.22 18.31 31.03
C ARG C 20 7.60 18.40 29.56
N ALA C 21 6.84 17.73 28.70
CA ALA C 21 7.10 17.75 27.26
C ALA C 21 6.39 18.87 26.53
N GLY C 22 5.62 19.70 27.23
CA GLY C 22 4.88 20.75 26.58
C GLY C 22 3.72 20.28 25.74
N LEU C 23 3.16 19.11 26.05
CA LEU C 23 2.08 18.53 25.27
C LEU C 23 0.76 18.67 26.02
N GLN C 24 -0.33 18.71 25.26
CA GLN C 24 -1.65 18.68 25.85
C GLN C 24 -2.15 17.25 26.03
N PHE C 25 -1.74 16.34 25.16
CA PHE C 25 -2.18 14.96 25.26
C PHE C 25 -1.54 14.28 26.48
N PRO C 26 -2.24 13.33 27.09
CA PRO C 26 -1.77 12.74 28.35
C PRO C 26 -0.65 11.74 28.12
N VAL C 27 0.57 12.13 28.49
CA VAL C 27 1.69 11.21 28.39
C VAL C 27 1.51 10.02 29.32
N GLY C 28 1.04 10.27 30.55
CA GLY C 28 0.84 9.19 31.49
C GLY C 28 -0.23 8.20 31.04
N ARG C 29 -1.33 8.72 30.49
CA ARG C 29 -2.39 7.85 30.00
C ARG C 29 -1.92 7.04 28.81
N VAL C 30 -1.14 7.64 27.92
CA VAL C 30 -0.59 6.90 26.79
C VAL C 30 0.36 5.81 27.27
N HIS C 31 1.17 6.12 28.28
CA HIS C 31 2.05 5.12 28.87
C HIS C 31 1.25 3.97 29.47
N ARG C 32 0.16 4.29 30.18
CA ARG C 32 -0.67 3.25 30.77
C ARG C 32 -1.33 2.39 29.71
N LEU C 33 -1.79 3.01 28.62
CA LEU C 33 -2.41 2.24 27.55
C LEU C 33 -1.39 1.35 26.85
N LEU C 34 -0.15 1.84 26.68
CA LEU C 34 0.90 1.03 26.10
C LEU C 34 1.23 -0.17 26.98
N ARG C 35 1.31 0.05 28.30
CA ARG C 35 1.58 -1.06 29.21
C ARG C 35 0.42 -2.06 29.23
N LYS C 36 -0.81 -1.57 29.28
CA LYS C 36 -1.99 -2.42 29.33
C LYS C 36 -2.42 -2.92 27.96
N GLY C 37 -1.92 -2.33 26.88
CA GLY C 37 -2.22 -2.82 25.55
C GLY C 37 -1.46 -4.07 25.15
N ASN C 38 -0.51 -4.48 25.98
CA ASN C 38 0.28 -5.69 25.77
C ASN C 38 0.99 -5.65 24.41
N TYR C 39 1.62 -4.52 24.13
CA TYR C 39 2.37 -4.38 22.89
C TYR C 39 3.78 -4.95 23.02
N ALA C 40 4.39 -4.81 24.19
CA ALA C 40 5.70 -5.41 24.44
C ALA C 40 5.87 -5.59 25.95
N GLU C 41 6.91 -6.33 26.32
CA GLU C 41 7.15 -6.62 27.73
C GLU C 41 7.42 -5.34 28.52
N ARG C 42 8.22 -4.44 27.95
CA ARG C 42 8.57 -3.19 28.61
C ARG C 42 8.27 -2.03 27.68
N VAL C 43 8.02 -0.86 28.26
CA VAL C 43 7.74 0.37 27.53
C VAL C 43 8.72 1.42 28.01
N GLY C 44 9.47 2.00 27.08
CA GLY C 44 10.45 3.00 27.43
C GLY C 44 9.82 4.24 28.05
N ALA C 45 10.68 5.05 28.69
CA ALA C 45 10.17 6.27 29.29
C ALA C 45 9.79 7.30 28.23
N GLY C 46 10.61 7.43 27.18
CA GLY C 46 10.33 8.41 26.15
C GLY C 46 9.35 7.95 25.11
N ALA C 47 9.01 6.66 25.09
CA ALA C 47 8.05 6.16 24.10
C ALA C 47 6.66 6.78 24.28
N PRO C 48 6.06 6.82 25.48
CA PRO C 48 4.77 7.51 25.60
C PRO C 48 4.85 8.98 25.28
N VAL C 49 5.96 9.64 25.60
CA VAL C 49 6.11 11.05 25.27
C VAL C 49 6.10 11.25 23.77
N TYR C 50 6.88 10.43 23.06
CA TYR C 50 6.92 10.53 21.60
C TYR C 50 5.56 10.24 20.99
N LEU C 51 4.88 9.19 21.47
CA LEU C 51 3.60 8.81 20.89
C LEU C 51 2.53 9.85 21.18
N ALA C 52 2.53 10.41 22.39
CA ALA C 52 1.59 11.48 22.72
C ALA C 52 1.85 12.72 21.89
N ALA C 53 3.13 13.04 21.64
CA ALA C 53 3.44 14.18 20.78
C ALA C 53 2.93 13.96 19.37
N VAL C 54 3.12 12.75 18.83
CA VAL C 54 2.64 12.44 17.49
C VAL C 54 1.12 12.51 17.42
N LEU C 55 0.45 11.95 18.43
CA LEU C 55 -1.00 12.03 18.48
C LEU C 55 -1.49 13.46 18.56
N GLU C 56 -0.82 14.29 19.38
CA GLU C 56 -1.18 15.69 19.48
C GLU C 56 -0.98 16.41 18.16
N TYR C 57 0.11 16.11 17.45
CA TYR C 57 0.35 16.74 16.16
C TYR C 57 -0.73 16.36 15.15
N LEU C 58 -1.07 15.07 15.08
CA LEU C 58 -2.09 14.64 14.12
C LEU C 58 -3.45 15.22 14.45
N THR C 59 -3.79 15.25 15.75
CA THR C 59 -5.02 15.90 16.18
C THR C 59 -5.02 17.37 15.82
N ALA C 60 -3.88 18.05 16.00
CA ALA C 60 -3.79 19.47 15.66
C ALA C 60 -3.99 19.70 14.18
N GLU C 61 -3.40 18.84 13.34
CA GLU C 61 -3.55 18.99 11.90
C GLU C 61 -5.01 18.78 11.48
N ILE C 62 -5.61 17.68 11.97
CA ILE C 62 -7.01 17.40 11.63
C ILE C 62 -7.91 18.55 12.08
N LEU C 63 -7.70 19.02 13.31
CA LEU C 63 -8.54 20.08 13.85
C LEU C 63 -8.31 21.41 13.15
N GLU C 64 -7.08 21.71 12.74
CA GLU C 64 -6.82 22.94 12.00
C GLU C 64 -7.56 22.93 10.67
N LEU C 65 -7.46 21.82 9.93
CA LEU C 65 -8.14 21.76 8.65
C LEU C 65 -9.66 21.73 8.83
N ALA C 66 -10.14 21.07 9.88
CA ALA C 66 -11.58 21.03 10.14
C ALA C 66 -12.10 22.39 10.53
N GLY C 67 -11.34 23.15 11.32
CA GLY C 67 -11.75 24.50 11.66
C GLY C 67 -11.75 25.43 10.46
N ASN C 68 -10.76 25.27 9.57
CA ASN C 68 -10.78 26.02 8.33
C ASN C 68 -12.00 25.68 7.49
N ALA C 69 -12.35 24.38 7.41
CA ALA C 69 -13.53 23.98 6.65
C ALA C 69 -14.81 24.53 7.27
N ALA C 70 -14.89 24.54 8.60
CA ALA C 70 -16.07 25.07 9.27
C ALA C 70 -16.20 26.56 9.07
N ARG C 71 -15.10 27.31 9.21
CA ARG C 71 -15.13 28.75 8.99
C ARG C 71 -15.45 29.07 7.53
N ASP C 72 -15.04 28.18 6.61
CA ASP C 72 -15.41 28.36 5.21
C ASP C 72 -16.92 28.26 5.02
N ASN C 73 -17.57 27.38 5.77
CA ASN C 73 -19.01 27.19 5.70
C ASN C 73 -19.77 28.10 6.65
N LYS C 74 -19.15 29.20 7.10
CA LYS C 74 -19.79 30.19 7.95
C LYS C 74 -20.37 29.57 9.22
N LYS C 75 -19.61 28.64 9.82
CA LYS C 75 -20.01 27.98 11.05
C LYS C 75 -18.84 27.98 12.02
N THR C 76 -19.16 28.03 13.31
CA THR C 76 -18.15 28.08 14.35
C THR C 76 -18.03 26.80 15.16
N ARG C 77 -18.75 25.74 14.78
CA ARG C 77 -18.65 24.45 15.45
C ARG C 77 -18.24 23.39 14.44
N ILE C 78 -17.25 22.57 14.81
CA ILE C 78 -16.81 21.49 13.94
C ILE C 78 -17.80 20.34 14.02
N ILE C 79 -18.34 19.94 12.88
CA ILE C 79 -19.25 18.81 12.79
C ILE C 79 -18.55 17.70 12.01
N PRO C 80 -19.08 16.47 12.00
CA PRO C 80 -18.42 15.41 11.22
C PRO C 80 -18.20 15.76 9.76
N ARG C 81 -19.07 16.56 9.15
CA ARG C 81 -18.88 16.95 7.77
C ARG C 81 -17.58 17.73 7.60
N HIS C 82 -17.27 18.60 8.56
CA HIS C 82 -16.03 19.38 8.46
C HIS C 82 -14.81 18.49 8.62
N LEU C 83 -14.89 17.50 9.50
CA LEU C 83 -13.79 16.54 9.63
C LEU C 83 -13.60 15.76 8.34
N GLN C 84 -14.70 15.33 7.72
CA GLN C 84 -14.60 14.62 6.45
C GLN C 84 -14.00 15.49 5.36
N LEU C 85 -14.42 16.74 5.28
CA LEU C 85 -13.86 17.66 4.29
C LEU C 85 -12.38 17.89 4.53
N ALA C 86 -11.99 18.06 5.79
CA ALA C 86 -10.59 18.26 6.12
C ALA C 86 -9.75 17.05 5.73
N VAL C 87 -10.25 15.85 6.03
CA VAL C 87 -9.47 14.66 5.74
C VAL C 87 -9.37 14.43 4.23
N ARG C 88 -10.49 14.55 3.52
CA ARG C 88 -10.53 14.23 2.10
C ARG C 88 -9.94 15.33 1.22
N ASN C 89 -9.78 16.55 1.74
CA ASN C 89 -9.14 17.61 0.95
C ASN C 89 -7.62 17.58 1.07
N ASP C 90 -7.10 17.22 2.24
CA ASP C 90 -5.66 17.09 2.44
C ASP C 90 -5.22 15.73 1.88
N GLU C 91 -4.27 15.76 0.94
CA GLU C 91 -3.84 14.53 0.28
C GLU C 91 -3.22 13.56 1.28
N GLU C 92 -2.39 14.06 2.21
CA GLU C 92 -1.70 13.19 3.13
C GLU C 92 -2.63 12.58 4.16
N LEU C 93 -3.52 13.39 4.73
CA LEU C 93 -4.49 12.86 5.68
C LEU C 93 -5.45 11.90 5.00
N ASN C 94 -5.79 12.18 3.74
CA ASN C 94 -6.63 11.25 2.99
C ASN C 94 -5.91 9.92 2.78
N LYS C 95 -4.60 9.96 2.53
CA LYS C 95 -3.82 8.72 2.45
C LYS C 95 -3.81 8.00 3.79
N LEU C 96 -3.64 8.74 4.88
CA LEU C 96 -3.61 8.13 6.20
C LEU C 96 -4.96 7.51 6.56
N LEU C 97 -6.05 8.20 6.27
CA LEU C 97 -7.39 7.74 6.58
C LEU C 97 -8.12 7.25 5.34
N GLY C 98 -7.39 6.59 4.45
CA GLY C 98 -7.98 6.12 3.20
C GLY C 98 -9.03 5.05 3.39
N ARG C 99 -8.75 4.08 4.26
CA ARG C 99 -9.68 3.00 4.55
C ARG C 99 -10.52 3.30 5.79
N VAL C 100 -10.81 4.57 6.02
CA VAL C 100 -11.54 5.03 7.20
C VAL C 100 -12.81 5.71 6.74
N THR C 101 -13.94 5.30 7.33
CA THR C 101 -15.24 5.89 7.05
C THR C 101 -15.63 6.80 8.20
N ILE C 102 -15.92 8.06 7.88
CA ILE C 102 -16.36 9.03 8.87
C ILE C 102 -17.88 9.12 8.85
N ALA C 103 -18.51 8.78 9.96
CA ALA C 103 -19.96 8.76 10.03
C ALA C 103 -20.52 10.17 9.89
N GLN C 104 -21.61 10.29 9.12
CA GLN C 104 -22.27 11.57 8.89
C GLN C 104 -21.31 12.59 8.28
N GLY C 105 -20.40 12.11 7.43
CA GLY C 105 -19.43 12.97 6.81
C GLY C 105 -19.71 13.26 5.36
N GLY C 106 -20.47 12.38 4.70
CA GLY C 106 -20.76 12.60 3.30
C GLY C 106 -19.52 12.38 2.43
N VAL C 107 -19.52 13.09 1.29
CA VAL C 107 -18.45 12.98 0.31
C VAL C 107 -18.05 14.37 -0.15
N LEU C 108 -16.89 14.45 -0.78
CA LEU C 108 -16.43 15.70 -1.37
C LEU C 108 -17.38 16.10 -2.51
N PRO C 109 -17.73 17.37 -2.64
CA PRO C 109 -18.51 17.79 -3.81
C PRO C 109 -17.67 17.82 -5.06
N ASN C 110 -17.86 16.84 -5.95
CA ASN C 110 -17.14 16.83 -7.21
C ASN C 110 -17.93 16.04 -8.23
N ILE C 111 -18.11 16.63 -9.42
CA ILE C 111 -18.79 15.98 -10.53
C ILE C 111 -17.80 15.88 -11.69
N GLN C 112 -17.75 14.72 -12.33
CA GLN C 112 -16.85 14.51 -13.46
C GLN C 112 -17.17 15.49 -14.58
N SER C 113 -16.12 15.95 -15.26
CA SER C 113 -16.28 17.04 -16.22
C SER C 113 -17.17 16.65 -17.39
N VAL C 114 -17.16 15.36 -17.77
CA VAL C 114 -17.94 14.92 -18.91
C VAL C 114 -19.43 15.03 -18.62
N LEU C 115 -19.84 14.85 -17.36
CA LEU C 115 -21.26 14.86 -17.03
C LEU C 115 -21.86 16.26 -17.12
N LEU C 116 -21.06 17.30 -16.92
CA LEU C 116 -21.60 18.65 -16.98
C LEU C 116 -22.04 18.99 -18.41
N PRO C 117 -23.09 19.78 -18.57
CA PRO C 117 -23.57 20.11 -19.92
C PRO C 117 -22.58 21.00 -20.66
N LYS C 118 -22.61 20.89 -21.98
CA LYS C 118 -21.74 21.69 -22.84
C LYS C 118 -22.56 22.72 -23.63
N ARG D 27 -23.94 6.41 39.52
CA ARG D 27 -22.67 5.93 40.06
C ARG D 27 -21.89 5.14 39.02
N LYS D 28 -20.56 5.08 39.21
CA LYS D 28 -19.67 4.37 38.31
C LYS D 28 -19.87 4.82 36.87
N THR D 29 -19.94 3.87 35.93
CA THR D 29 -20.13 4.15 34.50
C THR D 29 -19.12 5.18 34.01
N ARG D 30 -17.84 4.89 34.20
CA ARG D 30 -16.76 5.81 33.86
C ARG D 30 -16.01 5.29 32.64
N LYS D 31 -15.95 6.11 31.60
CA LYS D 31 -15.34 5.75 30.32
C LYS D 31 -14.16 6.66 30.04
N GLU D 32 -13.04 6.06 29.64
CA GLU D 32 -11.85 6.81 29.26
C GLU D 32 -11.96 7.32 27.83
N SER D 33 -11.55 8.57 27.63
CA SER D 33 -11.70 9.21 26.33
C SER D 33 -10.67 10.32 26.20
N TYR D 34 -10.47 10.79 24.97
CA TYR D 34 -9.59 11.90 24.66
C TYR D 34 -10.36 13.19 24.41
N ALA D 35 -11.55 13.34 24.99
CA ALA D 35 -12.38 14.50 24.70
C ALA D 35 -11.69 15.79 25.13
N ILE D 36 -11.23 15.85 26.38
CA ILE D 36 -10.68 17.10 26.90
C ILE D 36 -9.38 17.46 26.18
N TYR D 37 -8.58 16.46 25.83
CA TYR D 37 -7.29 16.74 25.19
C TYR D 37 -7.49 17.23 23.76
N VAL D 38 -8.40 16.60 23.02
CA VAL D 38 -8.75 17.10 21.69
C VAL D 38 -9.32 18.50 21.79
N TYR D 39 -10.12 18.77 22.82
CA TYR D 39 -10.67 20.11 22.98
C TYR D 39 -9.57 21.12 23.28
N LYS D 40 -8.60 20.76 24.11
CA LYS D 40 -7.51 21.68 24.44
C LYS D 40 -6.65 21.98 23.22
N VAL D 41 -6.32 20.94 22.45
CA VAL D 41 -5.53 21.20 21.25
C VAL D 41 -6.33 22.01 20.24
N LEU D 42 -7.66 21.82 20.19
CA LEU D 42 -8.50 22.65 19.33
C LEU D 42 -8.46 24.10 19.77
N LYS D 43 -8.56 24.34 21.08
CA LYS D 43 -8.50 25.71 21.59
C LYS D 43 -7.15 26.34 21.29
N GLN D 44 -6.09 25.54 21.26
CA GLN D 44 -4.80 26.07 20.84
C GLN D 44 -4.79 26.41 19.35
N VAL D 45 -5.35 25.53 18.51
CA VAL D 45 -5.23 25.77 17.08
C VAL D 45 -6.36 26.67 16.55
N HIS D 46 -7.54 26.61 17.17
CA HIS D 46 -8.68 27.40 16.73
C HIS D 46 -9.44 27.85 17.97
N PRO D 47 -8.98 28.92 18.62
CA PRO D 47 -9.59 29.32 19.89
C PRO D 47 -11.05 29.70 19.80
N ASP D 48 -11.50 30.22 18.65
CA ASP D 48 -12.84 30.79 18.52
C ASP D 48 -13.85 29.78 17.95
N THR D 49 -13.49 28.51 17.89
CA THR D 49 -14.38 27.48 17.39
C THR D 49 -14.47 26.34 18.38
N GLY D 50 -15.55 25.58 18.28
CA GLY D 50 -15.75 24.41 19.12
C GLY D 50 -15.93 23.14 18.30
N ILE D 51 -16.46 22.10 18.93
CA ILE D 51 -16.64 20.82 18.27
C ILE D 51 -17.87 20.14 18.84
N SER D 52 -18.63 19.47 17.98
CA SER D 52 -19.86 18.83 18.39
C SER D 52 -19.59 17.48 19.04
N SER D 53 -20.63 16.89 19.63
CA SER D 53 -20.48 15.60 20.28
C SER D 53 -20.13 14.51 19.27
N LYS D 54 -20.82 14.49 18.14
CA LYS D 54 -20.52 13.50 17.10
C LYS D 54 -19.11 13.70 16.54
N ALA D 55 -18.73 14.95 16.28
CA ALA D 55 -17.40 15.23 15.77
C ALA D 55 -16.34 14.93 16.82
N MET D 56 -16.64 15.20 18.09
CA MET D 56 -15.69 14.85 19.15
C MET D 56 -15.54 13.34 19.27
N SER D 57 -16.62 12.59 19.10
CA SER D 57 -16.54 11.14 19.09
C SER D 57 -15.69 10.64 17.93
N ILE D 58 -15.85 11.27 16.76
CA ILE D 58 -15.06 10.89 15.59
C ILE D 58 -13.58 11.21 15.83
N MET D 59 -13.30 12.34 16.46
CA MET D 59 -11.91 12.70 16.77
C MET D 59 -11.31 11.73 17.78
N ASN D 60 -12.10 11.33 18.78
CA ASN D 60 -11.65 10.34 19.75
C ASN D 60 -11.36 9.01 19.06
N SER D 61 -12.23 8.59 18.14
CA SER D 61 -12.00 7.36 17.41
C SER D 61 -10.76 7.46 16.55
N PHE D 62 -10.51 8.63 15.96
CA PHE D 62 -9.30 8.83 15.16
C PHE D 62 -8.05 8.71 16.02
N VAL D 63 -8.07 9.32 17.21
CA VAL D 63 -6.92 9.24 18.10
C VAL D 63 -6.69 7.80 18.54
N ASN D 64 -7.76 7.08 18.88
CA ASN D 64 -7.64 5.68 19.24
C ASN D 64 -7.07 4.86 18.09
N ASP D 65 -7.57 5.08 16.87
CA ASP D 65 -7.12 4.31 15.72
C ASP D 65 -5.65 4.56 15.45
N VAL D 66 -5.22 5.82 15.48
CA VAL D 66 -3.82 6.13 15.21
C VAL D 66 -2.92 5.60 16.32
N PHE D 67 -3.37 5.71 17.57
CA PHE D 67 -2.60 5.15 18.69
C PHE D 67 -2.42 3.64 18.49
N GLU D 68 -3.51 2.94 18.19
CA GLU D 68 -3.44 1.49 18.02
C GLU D 68 -2.55 1.12 16.85
N ARG D 69 -2.64 1.88 15.76
CA ARG D 69 -1.84 1.59 14.57
C ARG D 69 -0.35 1.77 14.84
N ILE D 70 0.01 2.93 15.42
CA ILE D 70 1.42 3.20 15.69
C ILE D 70 1.97 2.23 16.72
N ALA D 71 1.18 1.93 17.75
CA ALA D 71 1.65 1.02 18.80
C ALA D 71 1.80 -0.40 18.26
N GLY D 72 0.90 -0.84 17.38
CA GLY D 72 1.05 -2.14 16.78
C GLY D 72 2.28 -2.22 15.88
N GLU D 73 2.53 -1.17 15.10
CA GLU D 73 3.74 -1.15 14.29
C GLU D 73 4.99 -1.15 15.16
N ALA D 74 4.96 -0.42 16.28
CA ALA D 74 6.10 -0.41 17.19
C ALA D 74 6.31 -1.78 17.81
N SER D 75 5.23 -2.47 18.16
CA SER D 75 5.35 -3.82 18.69
C SER D 75 5.95 -4.77 17.66
N ARG D 76 5.50 -4.66 16.41
CA ARG D 76 6.09 -5.47 15.35
C ARG D 76 7.57 -5.14 15.16
N LEU D 77 7.93 -3.86 15.22
CA LEU D 77 9.32 -3.46 15.10
C LEU D 77 10.16 -4.06 16.21
N ALA D 78 9.66 -4.02 17.45
CA ALA D 78 10.40 -4.60 18.56
C ALA D 78 10.53 -6.10 18.41
N HIS D 79 9.47 -6.77 17.93
CA HIS D 79 9.54 -8.22 17.75
C HIS D 79 10.51 -8.61 16.64
N TYR D 80 10.59 -7.79 15.59
CA TYR D 80 11.49 -8.09 14.48
C TYR D 80 12.94 -8.08 14.92
N ASN D 81 13.32 -7.10 15.73
CA ASN D 81 14.70 -6.94 16.18
C ASN D 81 14.97 -7.62 17.51
N LYS D 82 14.10 -8.53 17.94
CA LYS D 82 14.29 -9.29 19.17
C LYS D 82 14.49 -8.37 20.38
N ARG D 83 13.76 -7.25 20.40
CA ARG D 83 13.76 -6.32 21.51
C ARG D 83 12.43 -6.42 22.24
N SER D 84 12.49 -6.48 23.57
CA SER D 84 11.29 -6.62 24.38
C SER D 84 10.82 -5.28 24.95
N THR D 85 11.40 -4.18 24.50
CA THR D 85 11.06 -2.85 25.00
C THR D 85 10.63 -1.96 23.84
N ILE D 86 9.56 -1.20 24.03
CA ILE D 86 9.15 -0.17 23.08
C ILE D 86 9.75 1.15 23.57
N THR D 87 10.79 1.60 22.88
CA THR D 87 11.48 2.85 23.13
C THR D 87 10.94 3.94 22.20
N SER D 88 11.51 5.13 22.32
CA SER D 88 11.16 6.21 21.42
C SER D 88 11.65 5.96 20.00
N ARG D 89 12.69 5.13 19.83
CA ARG D 89 13.25 4.93 18.49
C ARG D 89 12.27 4.20 17.58
N GLU D 90 11.68 3.11 18.05
CA GLU D 90 10.71 2.41 17.24
C GLU D 90 9.31 3.02 17.30
N ILE D 91 8.99 3.86 18.28
CA ILE D 91 7.82 4.71 18.12
C ILE D 91 8.03 5.66 16.94
N GLN D 92 9.22 6.25 16.85
CA GLN D 92 9.56 7.10 15.71
C GLN D 92 9.54 6.32 14.41
N THR D 93 10.08 5.11 14.42
CA THR D 93 10.08 4.29 13.21
C THR D 93 8.67 3.92 12.78
N ALA D 94 7.80 3.60 13.74
CA ALA D 94 6.40 3.32 13.41
C ALA D 94 5.72 4.55 12.85
N VAL D 95 6.00 5.73 13.42
CA VAL D 95 5.43 6.97 12.88
C VAL D 95 5.88 7.18 11.45
N ARG D 96 7.16 6.95 11.17
CA ARG D 96 7.68 7.12 9.82
C ARG D 96 7.07 6.09 8.87
N LEU D 97 6.79 4.88 9.37
CA LEU D 97 6.21 3.84 8.53
C LEU D 97 4.76 4.16 8.18
N LEU D 98 3.96 4.57 9.17
CA LEU D 98 2.52 4.74 8.94
C LEU D 98 2.22 6.02 8.18
N LEU D 99 2.56 7.16 8.75
CA LEU D 99 2.14 8.43 8.16
C LEU D 99 2.88 8.69 6.85
N PRO D 100 2.20 9.28 5.85
CA PRO D 100 2.88 9.63 4.60
C PRO D 100 3.97 10.68 4.81
N GLY D 101 4.65 11.05 3.72
CA GLY D 101 5.90 11.78 3.79
C GLY D 101 5.98 13.00 4.70
N GLU D 102 5.29 14.09 4.33
CA GLU D 102 5.43 15.33 5.09
C GLU D 102 4.83 15.20 6.48
N LEU D 103 3.71 14.47 6.60
CA LEU D 103 3.20 14.15 7.92
C LEU D 103 4.23 13.40 8.76
N ALA D 104 4.92 12.43 8.14
CA ALA D 104 5.94 11.70 8.87
C ALA D 104 7.05 12.62 9.34
N LYS D 105 7.53 13.51 8.46
CA LYS D 105 8.62 14.40 8.83
C LYS D 105 8.20 15.32 9.97
N HIS D 106 7.02 15.94 9.87
CA HIS D 106 6.62 16.91 10.89
C HIS D 106 6.26 16.22 12.19
N ALA D 107 5.64 15.04 12.13
CA ALA D 107 5.34 14.29 13.35
C ALA D 107 6.62 13.84 14.04
N VAL D 108 7.63 13.44 13.26
CA VAL D 108 8.91 13.09 13.85
C VAL D 108 9.54 14.31 14.50
N SER D 109 9.44 15.48 13.85
CA SER D 109 9.97 16.71 14.44
C SER D 109 9.29 16.99 15.78
N GLU D 110 7.97 16.93 15.81
CA GLU D 110 7.24 17.20 17.06
C GLU D 110 7.59 16.18 18.14
N GLY D 111 7.68 14.91 17.78
CA GLY D 111 7.99 13.89 18.76
C GLY D 111 9.40 14.04 19.32
N THR D 112 10.37 14.33 18.47
CA THR D 112 11.74 14.55 18.94
C THR D 112 11.83 15.79 19.82
N LYS D 113 11.11 16.85 19.45
CA LYS D 113 11.09 18.05 20.29
C LYS D 113 10.50 17.73 21.65
N ALA D 114 9.39 16.99 21.69
CA ALA D 114 8.77 16.65 22.96
C ALA D 114 9.67 15.77 23.80
N VAL D 115 10.33 14.78 23.20
CA VAL D 115 11.19 13.90 23.98
C VAL D 115 12.41 14.65 24.48
N THR D 116 12.93 15.61 23.70
CA THR D 116 14.03 16.43 24.18
C THR D 116 13.60 17.28 25.38
N LYS D 117 12.42 17.91 25.29
CA LYS D 117 11.94 18.70 26.43
C LYS D 117 11.71 17.82 27.65
N TYR D 118 11.17 16.62 27.45
CA TYR D 118 10.93 15.70 28.56
C TYR D 118 12.24 15.26 29.21
N THR D 119 13.26 14.99 28.40
CA THR D 119 14.57 14.62 28.93
C THR D 119 15.25 15.78 29.64
N SER D 120 15.03 17.02 29.18
CA SER D 120 15.64 18.19 29.79
C SER D 120 14.89 18.66 31.03
N ALA D 121 14.00 17.81 31.58
CA ALA D 121 13.25 18.17 32.76
C ALA D 121 13.12 16.98 33.72
N LYS D 122 14.12 16.12 33.76
CA LYS D 122 14.08 14.95 34.64
C LYS D 122 14.01 15.33 36.12
N PRO E 38 -45.96 24.68 -21.39
CA PRO E 38 -45.61 24.70 -19.96
C PRO E 38 -44.11 24.64 -19.73
N HIS E 39 -43.71 24.18 -18.55
CA HIS E 39 -42.29 24.13 -18.18
C HIS E 39 -41.88 22.69 -17.93
N ARG E 40 -40.68 22.34 -18.40
CA ARG E 40 -40.13 21.01 -18.19
C ARG E 40 -38.62 21.07 -18.38
N TYR E 41 -37.89 20.71 -17.34
CA TYR E 41 -36.43 20.71 -17.41
C TYR E 41 -35.94 19.65 -18.39
N ARG E 42 -34.85 19.98 -19.07
CA ARG E 42 -34.23 19.02 -19.97
C ARG E 42 -33.67 17.85 -19.16
N PRO E 43 -33.73 16.62 -19.67
CA PRO E 43 -33.21 15.48 -18.92
C PRO E 43 -31.73 15.65 -18.61
N GLY E 44 -31.36 15.34 -17.37
CA GLY E 44 -29.99 15.46 -16.93
C GLY E 44 -29.73 16.62 -15.99
N THR E 45 -30.36 17.77 -16.27
CA THR E 45 -30.14 18.94 -15.43
C THR E 45 -30.66 18.73 -14.01
N VAL E 46 -31.84 18.15 -13.89
CA VAL E 46 -32.36 17.80 -12.56
C VAL E 46 -31.44 16.78 -11.90
N ALA E 47 -30.86 15.88 -12.70
CA ALA E 47 -29.90 14.92 -12.16
C ALA E 47 -28.68 15.62 -11.60
N LEU E 48 -28.15 16.64 -12.31
CA LEU E 48 -27.01 17.39 -11.77
C LEU E 48 -27.39 18.15 -10.51
N ARG E 49 -28.57 18.77 -10.50
CA ARG E 49 -29.04 19.45 -9.28
C ARG E 49 -29.12 18.48 -8.12
N GLU E 50 -29.61 17.26 -8.38
CA GLU E 50 -29.72 16.24 -7.34
C GLU E 50 -28.35 15.76 -6.88
N ILE E 51 -27.39 15.65 -7.81
CA ILE E 51 -26.02 15.28 -7.43
C ILE E 51 -25.44 16.31 -6.49
N ARG E 52 -25.57 17.59 -6.83
CA ARG E 52 -25.07 18.65 -5.96
C ARG E 52 -25.78 18.62 -4.62
N ARG E 53 -27.09 18.44 -4.62
CA ARG E 53 -27.87 18.39 -3.38
C ARG E 53 -27.37 17.29 -2.46
N TYR E 54 -27.21 16.07 -2.99
CA TYR E 54 -26.85 14.94 -2.14
C TYR E 54 -25.35 14.88 -1.85
N GLN E 55 -24.52 15.58 -2.62
CA GLN E 55 -23.12 15.70 -2.26
C GLN E 55 -22.86 16.85 -1.29
N LYS E 56 -23.81 17.76 -1.13
CA LYS E 56 -23.70 18.79 -0.11
C LYS E 56 -24.14 18.31 1.27
N SER E 57 -25.03 17.32 1.34
CA SER E 57 -25.62 16.88 2.60
C SER E 57 -24.96 15.59 3.09
N THR E 58 -25.14 15.33 4.38
CA THR E 58 -24.61 14.14 5.02
C THR E 58 -25.69 13.18 5.50
N GLU E 59 -26.96 13.54 5.32
CA GLU E 59 -28.06 12.72 5.84
C GLU E 59 -28.11 11.37 5.14
N LEU E 60 -28.48 10.35 5.90
CA LEU E 60 -28.57 9.00 5.36
C LEU E 60 -29.66 8.92 4.29
N LEU E 61 -29.35 8.23 3.20
CA LEU E 61 -30.22 8.20 2.03
C LEU E 61 -31.19 7.04 2.04
N ILE E 62 -30.85 5.93 2.68
CA ILE E 62 -31.73 4.78 2.78
C ILE E 62 -32.63 4.94 3.98
N ARG E 63 -33.93 4.65 3.80
CA ARG E 63 -34.88 4.76 4.89
C ARG E 63 -34.51 3.77 5.99
N LYS E 64 -34.64 4.21 7.24
CA LYS E 64 -34.06 3.48 8.37
C LYS E 64 -34.79 2.17 8.63
N LEU E 65 -36.13 2.19 8.65
CA LEU E 65 -36.86 0.95 8.95
C LEU E 65 -36.65 -0.14 7.92
N PRO E 66 -36.73 0.10 6.60
CA PRO E 66 -36.42 -0.98 5.66
C PRO E 66 -35.02 -1.53 5.81
N PHE E 67 -34.03 -0.66 6.06
CA PHE E 67 -32.67 -1.14 6.27
C PHE E 67 -32.56 -1.98 7.52
N GLN E 68 -33.24 -1.58 8.60
CA GLN E 68 -33.21 -2.35 9.84
C GLN E 68 -33.86 -3.72 9.64
N ARG E 69 -34.98 -3.76 8.90
CA ARG E 69 -35.62 -5.04 8.62
C ARG E 69 -34.72 -5.93 7.77
N LEU E 70 -34.02 -5.34 6.79
CA LEU E 70 -33.08 -6.11 5.99
C LEU E 70 -31.94 -6.65 6.84
N VAL E 71 -31.43 -5.84 7.76
CA VAL E 71 -30.37 -6.29 8.67
C VAL E 71 -30.86 -7.45 9.52
N ARG E 72 -32.07 -7.34 10.07
CA ARG E 72 -32.60 -8.41 10.90
C ARG E 72 -32.81 -9.69 10.10
N GLU E 73 -33.31 -9.55 8.87
CA GLU E 73 -33.50 -10.74 8.02
C GLU E 73 -32.17 -11.40 7.72
N ILE E 74 -31.14 -10.60 7.43
CA ILE E 74 -29.82 -11.17 7.15
C ILE E 74 -29.26 -11.86 8.39
N ALA E 75 -29.37 -11.22 9.55
CA ALA E 75 -28.81 -11.79 10.77
C ALA E 75 -29.58 -13.02 11.22
N GLN E 76 -30.84 -13.16 10.79
CA GLN E 76 -31.60 -14.36 11.12
C GLN E 76 -30.93 -15.61 10.56
N ASP E 77 -30.22 -15.48 9.44
CA ASP E 77 -29.51 -16.62 8.87
C ASP E 77 -28.42 -17.10 9.82
N PHE E 78 -27.71 -16.18 10.46
CA PHE E 78 -26.52 -16.51 11.23
C PHE E 78 -26.86 -16.96 12.65
N LYS E 79 -27.72 -16.21 13.34
CA LYS E 79 -28.17 -16.57 14.68
C LYS E 79 -29.60 -16.09 14.88
N THR E 80 -30.47 -16.99 15.32
CA THR E 80 -31.86 -16.64 15.54
C THR E 80 -32.04 -15.88 16.85
N ASP E 81 -33.13 -15.12 16.93
CA ASP E 81 -33.49 -14.35 18.12
C ASP E 81 -32.36 -13.42 18.53
N LEU E 82 -31.93 -12.59 17.58
CA LEU E 82 -30.87 -11.62 17.79
C LEU E 82 -31.47 -10.24 17.98
N ARG E 83 -31.02 -9.54 19.00
CA ARG E 83 -31.39 -8.14 19.19
C ARG E 83 -30.26 -7.24 18.68
N PHE E 84 -30.65 -6.08 18.18
CA PHE E 84 -29.71 -5.12 17.61
C PHE E 84 -29.82 -3.80 18.35
N GLN E 85 -28.71 -3.29 18.83
CA GLN E 85 -28.69 -1.93 19.35
C GLN E 85 -29.03 -0.95 18.24
N SER E 86 -29.71 0.14 18.61
CA SER E 86 -30.01 1.17 17.62
C SER E 86 -28.72 1.73 17.04
N SER E 87 -27.72 1.94 17.88
CA SER E 87 -26.42 2.40 17.39
C SER E 87 -25.77 1.37 16.47
N ALA E 88 -26.02 0.08 16.70
CA ALA E 88 -25.46 -0.95 15.83
C ALA E 88 -26.06 -0.87 14.43
N VAL E 89 -27.38 -0.75 14.34
CA VAL E 89 -28.03 -0.61 13.05
C VAL E 89 -27.61 0.69 12.39
N MET E 90 -27.44 1.75 13.18
CA MET E 90 -26.98 3.01 12.60
C MET E 90 -25.57 2.90 12.04
N ALA E 91 -24.69 2.18 12.75
CA ALA E 91 -23.34 1.95 12.24
C ALA E 91 -23.37 1.11 10.97
N LEU E 92 -24.23 0.09 10.94
CA LEU E 92 -24.39 -0.70 9.73
C LEU E 92 -24.86 0.15 8.56
N GLN E 93 -25.81 1.05 8.81
CA GLN E 93 -26.29 1.92 7.75
C GLN E 93 -25.22 2.90 7.29
N GLU E 94 -24.47 3.47 8.24
CA GLU E 94 -23.36 4.35 7.87
C GLU E 94 -22.39 3.62 6.95
N ALA E 95 -21.94 2.44 7.36
CA ALA E 95 -20.96 1.69 6.59
C ALA E 95 -21.53 1.27 5.24
N SER E 96 -22.79 0.83 5.22
CA SER E 96 -23.40 0.36 3.98
C SER E 96 -23.54 1.49 2.98
N GLU E 97 -23.99 2.65 3.44
CA GLU E 97 -24.16 3.78 2.53
C GLU E 97 -22.81 4.30 2.04
N ALA E 98 -21.81 4.34 2.92
CA ALA E 98 -20.48 4.75 2.48
C ALA E 98 -19.93 3.77 1.44
N TYR E 99 -20.10 2.47 1.68
CA TYR E 99 -19.63 1.47 0.72
C TYR E 99 -20.34 1.61 -0.61
N LEU E 100 -21.66 1.79 -0.59
CA LEU E 100 -22.41 1.91 -1.83
C LEU E 100 -22.05 3.19 -2.57
N VAL E 101 -21.80 4.28 -1.84
CA VAL E 101 -21.43 5.53 -2.50
C VAL E 101 -20.05 5.41 -3.15
N ALA E 102 -19.08 4.82 -2.45
CA ALA E 102 -17.77 4.61 -3.04
C ALA E 102 -17.86 3.68 -4.24
N LEU E 103 -18.66 2.61 -4.13
CA LEU E 103 -18.84 1.70 -5.25
C LEU E 103 -19.47 2.39 -6.44
N PHE E 104 -20.42 3.28 -6.20
CA PHE E 104 -21.05 4.01 -7.30
C PHE E 104 -20.10 5.03 -7.91
N GLU E 105 -19.18 5.59 -7.12
CA GLU E 105 -18.17 6.46 -7.68
C GLU E 105 -17.23 5.68 -8.61
N ASP E 106 -16.80 4.50 -8.17
CA ASP E 106 -15.99 3.65 -9.04
C ASP E 106 -16.77 3.20 -10.26
N THR E 107 -18.08 2.94 -10.08
CA THR E 107 -18.95 2.56 -11.19
C THR E 107 -19.06 3.69 -12.21
N ASN E 108 -19.18 4.93 -11.72
CA ASN E 108 -19.23 6.09 -12.61
C ASN E 108 -17.93 6.22 -13.39
N LEU E 109 -16.80 5.99 -12.72
CA LEU E 109 -15.52 6.03 -13.42
C LEU E 109 -15.45 4.95 -14.49
N CYS E 110 -15.95 3.74 -14.17
CA CYS E 110 -15.98 2.67 -15.15
C CYS E 110 -16.86 3.03 -16.34
N ALA E 111 -18.02 3.64 -16.08
CA ALA E 111 -18.93 4.02 -17.16
C ALA E 111 -18.30 5.08 -18.05
N ILE E 112 -17.67 6.09 -17.45
CA ILE E 112 -17.01 7.13 -18.23
C ILE E 112 -15.86 6.54 -19.04
N HIS E 113 -15.18 5.54 -18.47
CA HIS E 113 -14.11 4.88 -19.19
C HIS E 113 -14.62 4.23 -20.47
N ALA E 114 -15.85 3.71 -20.46
CA ALA E 114 -16.45 3.06 -21.62
C ALA E 114 -17.12 4.05 -22.56
N LYS E 115 -16.76 5.33 -22.49
CA LYS E 115 -17.36 6.38 -23.31
C LYS E 115 -18.87 6.46 -23.10
N ARG E 116 -19.32 6.23 -21.87
CA ARG E 116 -20.73 6.22 -21.53
C ARG E 116 -21.02 7.25 -20.46
N VAL E 117 -22.31 7.53 -20.26
CA VAL E 117 -22.78 8.32 -19.15
C VAL E 117 -23.66 7.51 -18.20
N THR E 118 -24.39 6.52 -18.70
CA THR E 118 -25.19 5.64 -17.88
C THR E 118 -24.30 4.59 -17.24
N ILE E 119 -24.44 4.39 -15.93
CA ILE E 119 -23.77 3.27 -15.29
C ILE E 119 -24.61 2.01 -15.51
N MET E 120 -23.93 0.92 -15.83
CA MET E 120 -24.56 -0.35 -16.15
C MET E 120 -24.07 -1.42 -15.18
N PRO E 121 -24.79 -2.53 -15.04
CA PRO E 121 -24.33 -3.57 -14.10
C PRO E 121 -22.94 -4.09 -14.42
N LYS E 122 -22.54 -4.10 -15.68
CA LYS E 122 -21.18 -4.48 -16.02
C LYS E 122 -20.17 -3.50 -15.41
N ASP E 123 -20.56 -2.24 -15.25
CA ASP E 123 -19.67 -1.28 -14.61
C ASP E 123 -19.45 -1.63 -13.14
N ILE E 124 -20.53 -2.00 -12.44
CA ILE E 124 -20.40 -2.43 -11.05
C ILE E 124 -19.54 -3.67 -10.97
N GLN E 125 -19.77 -4.64 -11.86
CA GLN E 125 -18.98 -5.86 -11.85
C GLN E 125 -17.50 -5.57 -12.09
N LEU E 126 -17.18 -4.68 -13.04
CA LEU E 126 -15.80 -4.33 -13.29
C LEU E 126 -15.17 -3.64 -12.09
N ALA E 127 -15.90 -2.71 -11.47
CA ALA E 127 -15.37 -2.00 -10.31
C ALA E 127 -15.07 -2.98 -9.18
N ARG E 128 -15.99 -3.93 -8.94
CA ARG E 128 -15.79 -4.89 -7.86
C ARG E 128 -14.65 -5.85 -8.18
N ARG E 129 -14.50 -6.25 -9.45
CA ARG E 129 -13.41 -7.14 -9.82
C ARG E 129 -12.05 -6.44 -9.69
N ILE E 130 -11.98 -5.17 -10.08
CA ILE E 130 -10.73 -4.44 -9.91
C ILE E 130 -10.42 -4.24 -8.43
N ARG E 131 -11.44 -3.92 -7.64
CA ARG E 131 -11.25 -3.78 -6.19
C ARG E 131 -10.89 -5.09 -5.53
N GLY E 132 -11.10 -6.23 -6.21
CA GLY E 132 -10.76 -7.52 -5.67
C GLY E 132 -11.85 -8.23 -4.92
N GLU E 133 -13.01 -7.59 -4.73
CA GLU E 133 -14.11 -8.27 -4.04
C GLU E 133 -14.66 -9.42 -4.85
N ARG E 134 -14.96 -9.18 -6.13
CA ARG E 134 -15.50 -10.22 -6.99
C ARG E 134 -14.38 -11.10 -7.54
N ALA E 135 -14.69 -12.39 -7.70
CA ALA E 135 -13.73 -13.33 -8.23
C ALA E 135 -13.51 -13.08 -9.72
N ASP F 24 -37.74 -10.71 1.16
CA ASP F 24 -38.60 -9.66 0.62
C ASP F 24 -38.20 -8.30 1.16
N ASN F 25 -37.38 -8.29 2.21
CA ASN F 25 -36.93 -7.04 2.81
C ASN F 25 -35.83 -6.37 1.99
N ILE F 26 -35.18 -7.11 1.08
CA ILE F 26 -34.18 -6.51 0.22
C ILE F 26 -34.81 -5.48 -0.71
N GLN F 27 -36.09 -5.66 -1.03
CA GLN F 27 -36.80 -4.65 -1.81
C GLN F 27 -37.15 -3.41 -1.00
N GLY F 28 -36.93 -3.44 0.32
CA GLY F 28 -37.07 -2.24 1.12
C GLY F 28 -36.02 -1.19 0.79
N ILE F 29 -34.91 -1.60 0.21
CA ILE F 29 -33.95 -0.65 -0.34
C ILE F 29 -34.50 -0.22 -1.69
N THR F 30 -35.30 0.84 -1.68
CA THR F 30 -36.13 1.17 -2.82
C THR F 30 -35.30 1.70 -3.99
N LYS F 31 -35.94 1.79 -5.15
CA LYS F 31 -35.30 2.38 -6.32
C LYS F 31 -34.83 3.80 -6.06
N PRO F 32 -35.65 4.71 -5.52
CA PRO F 32 -35.13 6.07 -5.23
C PRO F 32 -33.97 6.07 -4.25
N ALA F 33 -33.91 5.12 -3.32
CA ALA F 33 -32.75 5.05 -2.43
C ALA F 33 -31.48 4.74 -3.23
N ILE F 34 -31.56 3.81 -4.16
CA ILE F 34 -30.42 3.50 -5.02
C ILE F 34 -30.05 4.71 -5.86
N ARG F 35 -31.06 5.43 -6.37
CA ARG F 35 -30.78 6.64 -7.15
C ARG F 35 -30.07 7.69 -6.31
N ARG F 36 -30.51 7.88 -5.06
CA ARG F 36 -29.86 8.85 -4.20
C ARG F 36 -28.42 8.44 -3.90
N LEU F 37 -28.20 7.15 -3.63
CA LEU F 37 -26.83 6.68 -3.38
C LEU F 37 -25.95 6.90 -4.60
N ALA F 38 -26.50 6.68 -5.80
CA ALA F 38 -25.73 6.93 -7.01
C ALA F 38 -25.47 8.42 -7.21
N ARG F 39 -26.45 9.26 -6.86
CA ARG F 39 -26.26 10.71 -6.96
C ARG F 39 -25.14 11.18 -6.04
N ARG F 40 -25.09 10.66 -4.81
CA ARG F 40 -23.99 11.02 -3.93
C ARG F 40 -22.65 10.51 -4.48
N GLY F 41 -22.66 9.44 -5.26
CA GLY F 41 -21.48 8.99 -5.96
C GLY F 41 -21.19 9.74 -7.24
N GLY F 42 -22.02 10.70 -7.61
CA GLY F 42 -21.82 11.49 -8.80
C GLY F 42 -22.33 10.87 -10.07
N VAL F 43 -23.30 9.97 -10.00
CA VAL F 43 -23.82 9.31 -11.19
C VAL F 43 -24.93 10.15 -11.78
N LYS F 44 -24.82 10.44 -13.09
CA LYS F 44 -25.79 11.27 -13.80
C LYS F 44 -26.97 10.45 -14.33
N ARG F 45 -26.68 9.31 -14.96
CA ARG F 45 -27.70 8.44 -15.53
C ARG F 45 -27.51 7.03 -14.99
N ILE F 46 -28.61 6.38 -14.65
CA ILE F 46 -28.59 5.07 -14.01
C ILE F 46 -29.42 4.11 -14.85
N SER F 47 -28.83 2.97 -15.19
CA SER F 47 -29.53 1.96 -15.97
C SER F 47 -30.62 1.30 -15.14
N GLY F 48 -31.57 0.68 -15.83
CA GLY F 48 -32.69 0.04 -15.14
C GLY F 48 -32.33 -1.23 -14.42
N LEU F 49 -31.25 -1.90 -14.83
CA LEU F 49 -30.80 -3.12 -14.18
C LEU F 49 -29.83 -2.85 -13.03
N ILE F 50 -29.50 -1.58 -12.78
CA ILE F 50 -28.57 -1.24 -11.71
C ILE F 50 -29.16 -1.59 -10.35
N TYR F 51 -30.48 -1.46 -10.21
CA TYR F 51 -31.12 -1.56 -8.91
C TYR F 51 -30.98 -2.96 -8.32
N GLU F 52 -31.24 -3.99 -9.13
CA GLU F 52 -31.13 -5.36 -8.62
C GLU F 52 -29.67 -5.72 -8.34
N GLU F 53 -28.75 -5.28 -9.19
CA GLU F 53 -27.33 -5.53 -8.95
C GLU F 53 -26.86 -4.87 -7.67
N THR F 54 -27.31 -3.63 -7.43
CA THR F 54 -26.95 -2.92 -6.21
C THR F 54 -27.58 -3.55 -4.99
N ARG F 55 -28.82 -4.05 -5.10
CA ARG F 55 -29.42 -4.78 -4.01
C ARG F 55 -28.61 -6.03 -3.68
N GLY F 56 -28.18 -6.75 -4.70
CA GLY F 56 -27.34 -7.93 -4.46
C GLY F 56 -26.01 -7.57 -3.83
N VAL F 57 -25.40 -6.47 -4.28
CA VAL F 57 -24.11 -6.06 -3.72
C VAL F 57 -24.26 -5.65 -2.26
N LEU F 58 -25.32 -4.88 -1.96
CA LEU F 58 -25.57 -4.49 -0.59
C LEU F 58 -25.87 -5.71 0.28
N LYS F 59 -26.60 -6.68 -0.26
CA LYS F 59 -26.87 -7.90 0.49
C LYS F 59 -25.58 -8.65 0.79
N VAL F 60 -24.68 -8.75 -0.19
CA VAL F 60 -23.42 -9.44 0.02
C VAL F 60 -22.58 -8.73 1.08
N PHE F 61 -22.47 -7.41 0.97
CA PHE F 61 -21.68 -6.63 1.93
C PHE F 61 -22.28 -6.74 3.33
N LEU F 62 -23.60 -6.63 3.43
CA LEU F 62 -24.26 -6.72 4.73
C LEU F 62 -24.11 -8.11 5.34
N GLU F 63 -24.23 -9.16 4.52
CA GLU F 63 -24.03 -10.51 5.04
C GLU F 63 -22.60 -10.69 5.54
N ASN F 64 -21.63 -10.19 4.78
CA ASN F 64 -20.23 -10.31 5.18
C ASN F 64 -19.94 -9.59 6.48
N VAL F 65 -20.45 -8.38 6.66
CA VAL F 65 -20.25 -7.65 7.91
C VAL F 65 -21.04 -8.25 9.06
N ILE F 66 -22.29 -8.62 8.80
CA ILE F 66 -23.18 -9.11 9.85
C ILE F 66 -22.70 -10.45 10.38
N ARG F 67 -22.14 -11.29 9.51
CA ARG F 67 -21.60 -12.57 9.96
C ARG F 67 -20.50 -12.35 10.99
N ASP F 68 -19.58 -11.44 10.70
CA ASP F 68 -18.50 -11.13 11.63
C ASP F 68 -19.04 -10.50 12.91
N ALA F 69 -20.02 -9.61 12.78
CA ALA F 69 -20.60 -8.97 13.95
C ALA F 69 -21.26 -10.00 14.87
N VAL F 70 -22.03 -10.91 14.29
CA VAL F 70 -22.71 -11.95 15.06
C VAL F 70 -21.69 -12.92 15.63
N THR F 71 -20.58 -13.15 14.94
CA THR F 71 -19.49 -13.94 15.51
C THR F 71 -18.93 -13.26 16.75
N TYR F 72 -18.75 -11.95 16.70
CA TYR F 72 -18.27 -11.21 17.88
C TYR F 72 -19.27 -11.30 19.03
N THR F 73 -20.56 -11.16 18.74
CA THR F 73 -21.57 -11.29 19.78
C THR F 73 -21.59 -12.69 20.38
N GLU F 74 -21.47 -13.71 19.53
CA GLU F 74 -21.40 -15.09 20.01
C GLU F 74 -20.20 -15.29 20.92
N HIS F 75 -19.04 -14.75 20.54
CA HIS F 75 -17.87 -14.89 21.39
C HIS F 75 -18.06 -14.17 22.72
N ALA F 76 -18.67 -12.99 22.70
CA ALA F 76 -18.98 -12.30 23.95
C ALA F 76 -20.12 -12.94 24.72
N LYS F 77 -20.71 -14.02 24.19
CA LYS F 77 -21.86 -14.69 24.81
C LYS F 77 -23.02 -13.71 25.01
N ARG F 78 -23.20 -12.82 24.04
CA ARG F 78 -24.25 -11.83 24.06
C ARG F 78 -25.30 -12.17 23.00
N LYS F 79 -26.55 -11.89 23.33
CA LYS F 79 -27.65 -12.05 22.39
C LYS F 79 -28.00 -10.75 21.68
N THR F 80 -27.26 -9.68 21.95
CA THR F 80 -27.48 -8.38 21.34
C THR F 80 -26.26 -8.00 20.51
N VAL F 81 -26.50 -7.60 19.26
CA VAL F 81 -25.44 -7.13 18.39
C VAL F 81 -25.24 -5.64 18.68
N THR F 82 -24.15 -5.31 19.37
CA THR F 82 -23.88 -3.95 19.78
C THR F 82 -23.18 -3.17 18.67
N ALA F 83 -23.06 -1.86 18.89
CA ALA F 83 -22.33 -1.01 17.94
C ALA F 83 -20.86 -1.37 17.90
N MET F 84 -20.28 -1.72 19.06
CA MET F 84 -18.87 -2.12 19.11
C MET F 84 -18.62 -3.34 18.24
N ASP F 85 -19.53 -4.32 18.29
CA ASP F 85 -19.38 -5.51 17.46
C ASP F 85 -19.41 -5.16 15.99
N VAL F 86 -20.31 -4.23 15.60
CA VAL F 86 -20.41 -3.84 14.20
C VAL F 86 -19.14 -3.13 13.75
N VAL F 87 -18.63 -2.21 14.56
CA VAL F 87 -17.42 -1.50 14.14
C VAL F 87 -16.21 -2.42 14.13
N TYR F 88 -16.19 -3.43 15.03
CA TYR F 88 -15.13 -4.43 14.97
C TYR F 88 -15.22 -5.24 13.68
N ALA F 89 -16.44 -5.60 13.28
CA ALA F 89 -16.63 -6.33 12.02
C ALA F 89 -16.17 -5.50 10.84
N LEU F 90 -16.48 -4.20 10.84
CA LEU F 90 -16.01 -3.32 9.78
C LEU F 90 -14.49 -3.23 9.78
N LYS F 91 -13.87 -3.11 10.96
CA LYS F 91 -12.43 -2.97 11.04
C LYS F 91 -11.71 -4.24 10.60
N ARG F 92 -12.30 -5.40 10.85
CA ARG F 92 -11.70 -6.65 10.41
C ARG F 92 -11.64 -6.72 8.88
N GLN F 93 -12.55 -6.02 8.20
CA GLN F 93 -12.57 -5.98 6.75
C GLN F 93 -11.83 -4.78 6.18
N GLY F 94 -11.11 -4.03 7.01
CA GLY F 94 -10.44 -2.84 6.54
C GLY F 94 -11.37 -1.72 6.13
N ARG F 95 -12.47 -1.52 6.86
CA ARG F 95 -13.46 -0.48 6.60
C ARG F 95 -13.82 0.23 7.90
N THR F 96 -12.80 0.66 8.63
CA THR F 96 -12.99 1.20 9.97
C THR F 96 -13.98 2.37 9.96
N LEU F 97 -14.85 2.40 10.97
CA LEU F 97 -15.92 3.37 11.07
C LEU F 97 -15.67 4.26 12.29
N TYR F 98 -15.69 5.57 12.08
CA TYR F 98 -15.48 6.54 13.14
C TYR F 98 -16.81 7.11 13.62
N GLY F 99 -16.93 7.28 14.92
CA GLY F 99 -18.10 7.89 15.51
C GLY F 99 -19.04 6.97 16.25
N PHE F 100 -18.63 5.74 16.55
CA PHE F 100 -19.50 4.79 17.25
C PHE F 100 -18.80 4.10 18.41
N GLY F 101 -17.76 4.71 18.98
CA GLY F 101 -17.10 4.19 20.15
C GLY F 101 -15.84 3.40 19.89
N GLY F 102 -15.39 3.32 18.64
CA GLY F 102 -14.18 2.58 18.30
C GLY F 102 -12.94 3.06 19.00
N ALA G 14 2.61 -41.32 24.57
CA ALA G 14 1.88 -40.09 24.28
C ALA G 14 2.39 -38.94 25.14
N LYS G 15 3.71 -38.87 25.30
CA LYS G 15 4.30 -37.81 26.12
C LYS G 15 4.07 -36.44 25.50
N THR G 16 4.27 -36.31 24.19
CA THR G 16 4.10 -35.03 23.54
C THR G 16 2.63 -34.67 23.41
N ARG G 17 2.33 -33.38 23.58
CA ARG G 17 0.95 -32.91 23.51
C ARG G 17 0.36 -33.12 22.12
N SER G 18 1.17 -33.01 21.08
CA SER G 18 0.67 -33.24 19.73
C SER G 18 0.23 -34.68 19.54
N SER G 19 0.98 -35.63 20.09
CA SER G 19 0.57 -37.03 20.06
C SER G 19 -0.71 -37.23 20.86
N ARG G 20 -0.84 -36.55 21.99
CA ARG G 20 -2.05 -36.64 22.79
C ARG G 20 -3.26 -36.15 22.01
N ALA G 21 -3.11 -35.06 21.27
CA ALA G 21 -4.19 -34.47 20.50
C ALA G 21 -4.38 -35.12 19.14
N GLY G 22 -3.57 -36.10 18.78
CA GLY G 22 -3.69 -36.72 17.47
C GLY G 22 -3.36 -35.77 16.34
N LEU G 23 -2.31 -34.98 16.48
CA LEU G 23 -1.91 -33.99 15.49
C LEU G 23 -0.44 -34.21 15.15
N GLN G 24 -0.06 -33.73 13.96
CA GLN G 24 1.33 -33.75 13.55
C GLN G 24 2.05 -32.43 13.79
N PHE G 25 1.33 -31.31 13.76
CA PHE G 25 1.95 -30.04 14.08
C PHE G 25 2.30 -29.97 15.57
N PRO G 26 3.34 -29.19 15.92
CA PRO G 26 3.80 -29.19 17.32
C PRO G 26 2.90 -28.35 18.23
N VAL G 27 2.13 -29.02 19.09
CA VAL G 27 1.31 -28.29 20.05
C VAL G 27 2.19 -27.49 21.00
N GLY G 28 3.29 -28.08 21.46
CA GLY G 28 4.16 -27.38 22.38
C GLY G 28 4.82 -26.16 21.77
N ARG G 29 5.26 -26.27 20.51
CA ARG G 29 5.89 -25.13 19.86
C ARG G 29 4.88 -24.02 19.61
N VAL G 30 3.65 -24.37 19.23
CA VAL G 30 2.61 -23.36 19.05
C VAL G 30 2.29 -22.69 20.39
N HIS G 31 2.29 -23.48 21.46
CA HIS G 31 2.08 -22.92 22.80
C HIS G 31 3.18 -21.92 23.15
N ARG G 32 4.43 -22.29 22.88
CA ARG G 32 5.56 -21.40 23.16
C ARG G 32 5.46 -20.12 22.32
N LEU G 33 5.10 -20.25 21.05
CA LEU G 33 4.99 -19.08 20.19
C LEU G 33 3.86 -18.17 20.64
N LEU G 34 2.73 -18.74 21.07
CA LEU G 34 1.65 -17.92 21.60
C LEU G 34 2.08 -17.22 22.88
N ARG G 35 2.82 -17.92 23.74
CA ARG G 35 3.27 -17.31 25.00
C ARG G 35 4.27 -16.19 24.75
N LYS G 36 5.12 -16.34 23.74
CA LYS G 36 6.17 -15.37 23.46
C LYS G 36 5.78 -14.33 22.42
N GLY G 37 4.56 -14.41 21.89
CA GLY G 37 4.16 -13.51 20.83
C GLY G 37 3.44 -12.25 21.26
N ASN G 38 3.29 -12.07 22.57
CA ASN G 38 2.61 -10.89 23.13
C ASN G 38 1.18 -10.77 22.63
N TYR G 39 0.38 -11.79 22.90
CA TYR G 39 -1.03 -11.78 22.56
C TYR G 39 -1.93 -11.57 23.78
N ALA G 40 -1.65 -12.29 24.87
CA ALA G 40 -2.19 -11.97 26.18
C ALA G 40 -1.26 -12.57 27.22
N GLU G 41 -1.36 -12.07 28.45
CA GLU G 41 -0.45 -12.50 29.49
C GLU G 41 -0.65 -13.96 29.89
N ARG G 42 -1.77 -14.58 29.50
CA ARG G 42 -2.01 -15.98 29.74
C ARG G 42 -2.56 -16.65 28.49
N VAL G 43 -2.21 -17.91 28.30
CA VAL G 43 -2.68 -18.71 27.17
C VAL G 43 -3.22 -20.02 27.70
N GLY G 44 -4.43 -20.37 27.29
CA GLY G 44 -5.07 -21.57 27.81
C GLY G 44 -4.37 -22.84 27.39
N ALA G 45 -4.81 -23.94 28.00
CA ALA G 45 -4.21 -25.24 27.66
C ALA G 45 -4.70 -25.74 26.31
N GLY G 46 -5.97 -25.51 25.99
CA GLY G 46 -6.51 -25.98 24.73
C GLY G 46 -6.30 -25.05 23.56
N ALA G 47 -5.86 -23.82 23.81
CA ALA G 47 -5.62 -22.89 22.72
C ALA G 47 -4.50 -23.35 21.79
N PRO G 48 -3.32 -23.75 22.27
CA PRO G 48 -2.31 -24.27 21.34
C PRO G 48 -2.76 -25.52 20.60
N VAL G 49 -3.51 -26.41 21.28
CA VAL G 49 -4.00 -27.61 20.62
C VAL G 49 -4.93 -27.24 19.48
N TYR G 50 -5.87 -26.34 19.74
CA TYR G 50 -6.85 -25.94 18.74
C TYR G 50 -6.16 -25.25 17.56
N LEU G 51 -5.24 -24.33 17.86
CA LEU G 51 -4.56 -23.60 16.80
C LEU G 51 -3.67 -24.51 15.98
N ALA G 52 -2.99 -25.47 16.62
CA ALA G 52 -2.19 -26.43 15.88
C ALA G 52 -3.05 -27.29 14.98
N ALA G 53 -4.22 -27.71 15.47
CA ALA G 53 -5.14 -28.48 14.64
C ALA G 53 -5.58 -27.67 13.43
N VAL G 54 -5.92 -26.40 13.63
CA VAL G 54 -6.33 -25.55 12.51
C VAL G 54 -5.18 -25.39 11.51
N LEU G 55 -3.98 -25.17 12.03
CA LEU G 55 -2.82 -24.95 11.16
C LEU G 55 -2.52 -26.19 10.31
N GLU G 56 -2.53 -27.38 10.94
CA GLU G 56 -2.28 -28.60 10.18
C GLU G 56 -3.44 -28.93 9.25
N TYR G 57 -4.68 -28.53 9.59
CA TYR G 57 -5.78 -28.72 8.66
C TYR G 57 -5.58 -27.87 7.41
N LEU G 58 -5.22 -26.60 7.59
CA LEU G 58 -5.00 -25.73 6.45
C LEU G 58 -3.80 -26.21 5.62
N THR G 59 -2.75 -26.67 6.31
CA THR G 59 -1.60 -27.23 5.62
C THR G 59 -1.99 -28.44 4.78
N ALA G 60 -2.79 -29.34 5.34
CA ALA G 60 -3.24 -30.50 4.59
C ALA G 60 -4.13 -30.10 3.42
N GLU G 61 -4.99 -29.11 3.63
CA GLU G 61 -5.90 -28.68 2.56
C GLU G 61 -5.12 -28.10 1.39
N ILE G 62 -4.11 -27.29 1.66
CA ILE G 62 -3.29 -26.77 0.56
C ILE G 62 -2.44 -27.88 -0.05
N LEU G 63 -1.87 -28.75 0.77
CA LEU G 63 -0.95 -29.75 0.25
C LEU G 63 -1.66 -30.79 -0.60
N GLU G 64 -2.92 -31.11 -0.28
CA GLU G 64 -3.66 -32.05 -1.11
C GLU G 64 -3.89 -31.51 -2.51
N LEU G 65 -4.30 -30.24 -2.60
CA LEU G 65 -4.51 -29.63 -3.91
C LEU G 65 -3.18 -29.43 -4.63
N ALA G 66 -2.11 -29.15 -3.88
CA ALA G 66 -0.79 -29.04 -4.50
C ALA G 66 -0.33 -30.38 -5.07
N GLY G 67 -0.59 -31.47 -4.35
CA GLY G 67 -0.27 -32.78 -4.88
C GLY G 67 -1.13 -33.13 -6.08
N ASN G 68 -2.39 -32.72 -6.08
CA ASN G 68 -3.24 -32.91 -7.25
C ASN G 68 -2.69 -32.15 -8.45
N ALA G 69 -2.22 -30.92 -8.23
CA ALA G 69 -1.61 -30.15 -9.30
C ALA G 69 -0.32 -30.80 -9.79
N ALA G 70 0.48 -31.34 -8.88
CA ALA G 70 1.70 -32.04 -9.26
C ALA G 70 1.38 -33.27 -10.10
N ARG G 71 0.36 -34.03 -9.72
CA ARG G 71 -0.08 -35.17 -10.52
C ARG G 71 -0.57 -34.73 -11.89
N ASP G 72 -1.33 -33.62 -11.95
CA ASP G 72 -1.76 -33.09 -13.23
C ASP G 72 -0.59 -32.67 -14.10
N ASN G 73 0.53 -32.29 -13.48
CA ASN G 73 1.75 -31.97 -14.20
C ASN G 73 2.72 -33.14 -14.25
N LYS G 74 2.25 -34.35 -13.91
CA LYS G 74 3.04 -35.58 -13.88
C LYS G 74 4.40 -35.36 -13.22
N LYS G 75 4.42 -34.54 -12.17
CA LYS G 75 5.58 -34.34 -11.32
C LYS G 75 5.29 -34.95 -9.95
N THR G 76 6.31 -35.50 -9.32
CA THR G 76 6.16 -36.09 -8.00
C THR G 76 6.66 -35.17 -6.88
N ARG G 77 6.99 -33.92 -7.18
CA ARG G 77 7.45 -32.97 -6.19
C ARG G 77 6.63 -31.69 -6.27
N ILE G 78 6.25 -31.17 -5.10
CA ILE G 78 5.56 -29.89 -5.02
C ILE G 78 6.55 -28.77 -5.26
N ILE G 79 6.22 -27.86 -6.17
CA ILE G 79 7.03 -26.67 -6.41
C ILE G 79 6.15 -25.47 -6.15
N PRO G 80 6.71 -24.25 -6.10
CA PRO G 80 5.85 -23.06 -5.92
C PRO G 80 4.73 -22.94 -6.94
N ARG G 81 4.95 -23.37 -8.18
CA ARG G 81 3.90 -23.30 -9.18
C ARG G 81 2.68 -24.13 -8.77
N HIS G 82 2.92 -25.33 -8.23
CA HIS G 82 1.82 -26.18 -7.81
C HIS G 82 1.07 -25.58 -6.64
N LEU G 83 1.80 -24.98 -5.69
CA LEU G 83 1.13 -24.31 -4.57
C LEU G 83 0.28 -23.14 -5.05
N GLN G 84 0.80 -22.36 -5.99
CA GLN G 84 0.03 -21.23 -6.54
C GLN G 84 -1.22 -21.73 -7.26
N LEU G 85 -1.08 -22.77 -8.08
CA LEU G 85 -2.24 -23.32 -8.77
C LEU G 85 -3.28 -23.84 -7.78
N ALA G 86 -2.82 -24.54 -6.74
CA ALA G 86 -3.74 -25.06 -5.73
C ALA G 86 -4.47 -23.93 -5.02
N VAL G 87 -3.75 -22.87 -4.65
CA VAL G 87 -4.35 -21.79 -3.88
C VAL G 87 -5.36 -21.03 -4.74
N ARG G 88 -4.99 -20.70 -5.97
CA ARG G 88 -5.87 -19.89 -6.81
C ARG G 88 -7.00 -20.70 -7.44
N ASN G 89 -6.88 -22.03 -7.50
CA ASN G 89 -7.96 -22.83 -8.08
C ASN G 89 -9.14 -22.97 -7.13
N ASP G 90 -8.88 -23.14 -5.83
CA ASP G 90 -9.93 -23.23 -4.84
C ASP G 90 -10.34 -21.83 -4.40
N GLU G 91 -11.64 -21.53 -4.48
CA GLU G 91 -12.10 -20.18 -4.21
C GLU G 91 -11.88 -19.78 -2.76
N GLU G 92 -12.07 -20.72 -1.83
CA GLU G 92 -11.94 -20.39 -0.42
C GLU G 92 -10.47 -20.22 -0.03
N LEU G 93 -9.60 -21.08 -0.53
CA LEU G 93 -8.17 -20.88 -0.32
C LEU G 93 -7.70 -19.59 -0.98
N ASN G 94 -8.20 -19.30 -2.19
CA ASN G 94 -7.83 -18.07 -2.86
C ASN G 94 -8.28 -16.84 -2.07
N LYS G 95 -9.44 -16.93 -1.43
CA LYS G 95 -9.89 -15.83 -0.58
C LYS G 95 -9.03 -15.71 0.67
N LEU G 96 -8.63 -16.85 1.25
CA LEU G 96 -7.76 -16.79 2.42
C LEU G 96 -6.40 -16.21 2.08
N LEU G 97 -5.87 -16.55 0.91
CA LEU G 97 -4.57 -16.06 0.44
C LEU G 97 -4.74 -15.07 -0.70
N GLY G 98 -5.74 -14.20 -0.60
CA GLY G 98 -6.00 -13.24 -1.66
C GLY G 98 -5.05 -12.06 -1.71
N ARG G 99 -4.44 -11.72 -0.58
CA ARG G 99 -3.52 -10.59 -0.51
C ARG G 99 -2.07 -11.04 -0.33
N VAL G 100 -1.74 -12.22 -0.83
CA VAL G 100 -0.36 -12.71 -0.79
C VAL G 100 0.07 -13.02 -2.22
N THR G 101 1.37 -12.92 -2.47
CA THR G 101 1.96 -13.35 -3.73
C THR G 101 2.99 -14.43 -3.43
N ILE G 102 2.85 -15.55 -4.10
CA ILE G 102 3.71 -16.71 -3.88
C ILE G 102 4.90 -16.62 -4.83
N ALA G 103 6.11 -16.66 -4.28
CA ALA G 103 7.31 -16.49 -5.09
C ALA G 103 7.44 -17.65 -6.08
N GLN G 104 7.80 -17.30 -7.32
CA GLN G 104 7.96 -18.28 -8.39
C GLN G 104 6.69 -19.10 -8.61
N GLY G 105 5.54 -18.49 -8.41
CA GLY G 105 4.28 -19.20 -8.55
C GLY G 105 3.58 -18.94 -9.87
N GLY G 106 3.95 -17.86 -10.54
CA GLY G 106 3.29 -17.54 -11.78
C GLY G 106 1.85 -17.09 -11.56
N VAL G 107 1.04 -17.25 -12.60
CA VAL G 107 -0.36 -16.87 -12.57
C VAL G 107 -1.19 -18.00 -13.21
N LEU G 108 -2.50 -17.91 -13.00
CA LEU G 108 -3.40 -18.89 -13.58
C LEU G 108 -3.45 -18.72 -15.10
N PRO G 109 -3.38 -19.81 -15.87
CA PRO G 109 -3.51 -19.69 -17.32
C PRO G 109 -4.94 -19.39 -17.75
N ASN G 110 -5.20 -18.14 -18.16
CA ASN G 110 -6.52 -17.78 -18.67
C ASN G 110 -6.38 -16.63 -19.65
N ILE G 111 -6.85 -16.84 -20.88
CA ILE G 111 -6.94 -15.79 -21.87
C ILE G 111 -8.42 -15.42 -22.01
N GLN G 112 -8.69 -14.12 -22.03
CA GLN G 112 -10.07 -13.65 -22.10
C GLN G 112 -10.72 -14.10 -23.41
N SER G 113 -12.01 -14.45 -23.32
CA SER G 113 -12.72 -15.00 -24.47
C SER G 113 -12.78 -13.99 -25.61
N VAL G 114 -12.86 -12.70 -25.29
CA VAL G 114 -12.84 -11.67 -26.33
C VAL G 114 -11.49 -11.66 -27.04
N LEU G 115 -10.42 -12.07 -26.36
CA LEU G 115 -9.10 -12.06 -26.98
C LEU G 115 -8.90 -13.22 -27.95
N LEU G 116 -9.54 -14.36 -27.70
CA LEU G 116 -9.35 -15.51 -28.56
C LEU G 116 -9.81 -15.19 -29.99
N PRO G 117 -9.10 -15.65 -31.00
CA PRO G 117 -9.48 -15.33 -32.38
C PRO G 117 -10.80 -15.99 -32.75
N LYS G 118 -11.54 -15.32 -33.63
CA LYS G 118 -12.84 -15.82 -34.07
C LYS G 118 -12.72 -16.57 -35.39
N ARG H 26 31.64 -20.93 12.52
CA ARG H 26 31.13 -22.30 12.42
C ARG H 26 30.03 -22.52 13.44
N ARG H 27 29.22 -23.57 13.22
CA ARG H 27 28.11 -23.93 14.11
C ARG H 27 27.11 -22.78 14.22
N LYS H 28 26.47 -22.50 13.09
CA LYS H 28 25.49 -21.42 13.00
C LYS H 28 24.35 -21.64 14.00
N THR H 29 23.60 -20.57 14.24
CA THR H 29 22.62 -20.54 15.32
C THR H 29 21.39 -21.39 14.99
N ARG H 30 20.59 -21.64 16.02
CA ARG H 30 19.36 -22.40 15.87
C ARG H 30 18.33 -21.60 15.09
N LYS H 31 17.60 -22.28 14.20
CA LYS H 31 16.54 -21.67 13.42
C LYS H 31 15.30 -22.54 13.48
N GLU H 32 14.16 -21.94 13.82
CA GLU H 32 12.91 -22.66 13.97
C GLU H 32 12.07 -22.53 12.70
N SER H 33 11.50 -23.66 12.28
CA SER H 33 10.69 -23.70 11.07
C SER H 33 9.70 -24.85 11.17
N TYR H 34 8.66 -24.78 10.34
CA TYR H 34 7.62 -25.80 10.28
C TYR H 34 7.90 -26.84 9.20
N ALA H 35 9.17 -27.06 8.84
CA ALA H 35 9.48 -27.89 7.70
C ALA H 35 9.08 -29.34 7.94
N ILE H 36 9.50 -29.92 9.06
CA ILE H 36 9.28 -31.35 9.29
C ILE H 36 7.80 -31.64 9.45
N TYR H 37 7.05 -30.73 10.06
CA TYR H 37 5.63 -30.99 10.29
C TYR H 37 4.84 -30.90 8.99
N VAL H 38 5.16 -29.92 8.15
CA VAL H 38 4.53 -29.85 6.83
C VAL H 38 4.89 -31.09 6.02
N TYR H 39 6.12 -31.57 6.16
CA TYR H 39 6.51 -32.80 5.47
C TYR H 39 5.71 -34.00 5.95
N LYS H 40 5.51 -34.11 7.27
CA LYS H 40 4.71 -35.21 7.80
C LYS H 40 3.27 -35.13 7.32
N VAL H 41 2.71 -33.92 7.29
CA VAL H 41 1.34 -33.76 6.81
C VAL H 41 1.24 -34.15 5.34
N LEU H 42 2.22 -33.74 4.53
CA LEU H 42 2.24 -34.12 3.12
C LEU H 42 2.33 -35.63 2.94
N LYS H 43 3.20 -36.27 3.73
CA LYS H 43 3.34 -37.72 3.65
C LYS H 43 2.05 -38.42 4.09
N GLN H 44 1.32 -37.82 5.02
CA GLN H 44 0.03 -38.37 5.41
C GLN H 44 -0.99 -38.21 4.29
N VAL H 45 -0.95 -37.09 3.57
CA VAL H 45 -1.92 -36.85 2.51
C VAL H 45 -1.47 -37.50 1.20
N HIS H 46 -0.26 -37.18 0.74
CA HIS H 46 0.28 -37.72 -0.50
C HIS H 46 1.56 -38.47 -0.15
N PRO H 47 1.47 -39.77 0.12
CA PRO H 47 2.64 -40.50 0.65
C PRO H 47 3.76 -40.66 -0.35
N ASP H 48 3.51 -40.53 -1.65
CA ASP H 48 4.53 -40.69 -2.67
C ASP H 48 4.92 -39.37 -3.33
N THR H 49 4.48 -38.24 -2.79
CA THR H 49 4.79 -36.92 -3.34
C THR H 49 5.75 -36.19 -2.41
N GLY H 50 6.81 -35.62 -2.99
CA GLY H 50 7.74 -34.82 -2.23
C GLY H 50 7.45 -33.33 -2.37
N ILE H 51 8.33 -32.54 -1.76
CA ILE H 51 8.20 -31.08 -1.79
C ILE H 51 9.60 -30.48 -1.90
N SER H 52 9.72 -29.46 -2.74
CA SER H 52 11.01 -28.82 -2.96
C SER H 52 11.31 -27.84 -1.83
N SER H 53 12.56 -27.36 -1.80
CA SER H 53 12.96 -26.42 -0.76
C SER H 53 12.21 -25.11 -0.87
N LYS H 54 12.00 -24.62 -2.10
CA LYS H 54 11.25 -23.39 -2.29
C LYS H 54 9.79 -23.57 -1.87
N ALA H 55 9.17 -24.67 -2.28
CA ALA H 55 7.79 -24.93 -1.88
C ALA H 55 7.68 -25.17 -0.37
N MET H 56 8.69 -25.82 0.22
CA MET H 56 8.69 -25.99 1.66
C MET H 56 8.80 -24.65 2.37
N SER H 57 9.63 -23.74 1.86
CA SER H 57 9.74 -22.41 2.43
C SER H 57 8.43 -21.65 2.31
N ILE H 58 7.73 -21.83 1.18
CA ILE H 58 6.44 -21.17 1.00
C ILE H 58 5.41 -21.73 1.96
N MET H 59 5.42 -23.05 2.18
CA MET H 59 4.53 -23.65 3.16
C MET H 59 4.84 -23.14 4.56
N ASN H 60 6.13 -23.01 4.89
CA ASN H 60 6.52 -22.44 6.17
C ASN H 60 6.00 -21.02 6.32
N SER H 61 6.14 -20.22 5.26
CA SER H 61 5.65 -18.84 5.30
C SER H 61 4.13 -18.81 5.47
N PHE H 62 3.43 -19.72 4.79
CA PHE H 62 1.98 -19.79 4.93
C PHE H 62 1.58 -20.13 6.35
N VAL H 63 2.24 -21.13 6.94
CA VAL H 63 1.92 -21.53 8.30
C VAL H 63 2.20 -20.40 9.27
N ASN H 64 3.34 -19.72 9.11
CA ASN H 64 3.66 -18.59 9.97
C ASN H 64 2.64 -17.46 9.82
N ASP H 65 2.25 -17.16 8.58
CA ASP H 65 1.31 -16.08 8.33
C ASP H 65 -0.05 -16.38 8.93
N VAL H 66 -0.55 -17.60 8.75
CA VAL H 66 -1.86 -17.95 9.28
C VAL H 66 -1.81 -18.03 10.80
N PHE H 67 -0.72 -18.54 11.36
CA PHE H 67 -0.57 -18.55 12.81
C PHE H 67 -0.59 -17.13 13.36
N GLU H 68 0.17 -16.22 12.73
CA GLU H 68 0.19 -14.84 13.19
C GLU H 68 -1.19 -14.20 13.06
N ARG H 69 -1.89 -14.46 11.96
CA ARG H 69 -3.19 -13.85 11.72
C ARG H 69 -4.22 -14.34 12.75
N ILE H 70 -4.29 -15.66 12.95
CA ILE H 70 -5.23 -16.22 13.92
C ILE H 70 -4.89 -15.77 15.33
N ALA H 71 -3.60 -15.75 15.67
CA ALA H 71 -3.21 -15.34 17.01
C ALA H 71 -3.49 -13.87 17.24
N GLY H 72 -3.29 -13.03 16.23
CA GLY H 72 -3.64 -11.63 16.35
C GLY H 72 -5.13 -11.42 16.52
N GLU H 73 -5.94 -12.17 15.77
CA GLU H 73 -7.39 -12.05 15.93
C GLU H 73 -7.82 -12.56 17.31
N ALA H 74 -7.18 -13.61 17.82
CA ALA H 74 -7.50 -14.10 19.15
C ALA H 74 -7.12 -13.08 20.22
N SER H 75 -5.97 -12.42 20.05
CA SER H 75 -5.60 -11.35 20.97
C SER H 75 -6.59 -10.21 20.92
N ARG H 76 -7.07 -9.87 19.72
CA ARG H 76 -8.09 -8.84 19.58
C ARG H 76 -9.38 -9.25 20.28
N LEU H 77 -9.76 -10.52 20.14
CA LEU H 77 -10.96 -11.01 20.82
C LEU H 77 -10.81 -10.95 22.33
N ALA H 78 -9.64 -11.31 22.84
CA ALA H 78 -9.40 -11.23 24.27
C ALA H 78 -9.45 -9.80 24.77
N HIS H 79 -8.85 -8.87 24.02
CA HIS H 79 -8.84 -7.47 24.44
C HIS H 79 -10.23 -6.84 24.32
N TYR H 80 -11.03 -7.27 23.35
CA TYR H 80 -12.35 -6.71 23.16
C TYR H 80 -13.28 -7.07 24.32
N ASN H 81 -13.16 -8.29 24.83
CA ASN H 81 -14.05 -8.81 25.86
C ASN H 81 -13.43 -8.75 27.25
N LYS H 82 -12.34 -7.99 27.42
CA LYS H 82 -11.69 -7.79 28.71
C LYS H 82 -11.23 -9.10 29.33
N ARG H 83 -10.91 -10.08 28.50
CA ARG H 83 -10.34 -11.35 28.94
C ARG H 83 -8.84 -11.33 28.74
N SER H 84 -8.10 -11.84 29.72
CA SER H 84 -6.65 -11.81 29.70
C SER H 84 -6.03 -13.11 29.22
N THR H 85 -6.82 -14.03 28.67
CA THR H 85 -6.34 -15.33 28.26
C THR H 85 -6.89 -15.67 26.89
N ILE H 86 -6.09 -16.41 26.11
CA ILE H 86 -6.55 -17.03 24.88
C ILE H 86 -6.95 -18.46 25.21
N THR H 87 -8.22 -18.76 25.04
CA THR H 87 -8.73 -20.10 25.24
C THR H 87 -8.95 -20.77 23.89
N SER H 88 -9.45 -22.01 23.91
CA SER H 88 -9.83 -22.65 22.66
C SER H 88 -10.99 -21.93 22.00
N ARG H 89 -11.83 -21.27 22.80
CA ARG H 89 -12.95 -20.53 22.24
C ARG H 89 -12.50 -19.28 21.50
N GLU H 90 -11.49 -18.60 22.01
CA GLU H 90 -10.94 -17.45 21.30
C GLU H 90 -10.36 -17.86 19.95
N ILE H 91 -9.62 -18.98 19.92
CA ILE H 91 -9.04 -19.44 18.65
C ILE H 91 -10.15 -19.90 17.71
N GLN H 92 -11.21 -20.52 18.25
CA GLN H 92 -12.33 -20.93 17.41
C GLN H 92 -13.02 -19.73 16.76
N THR H 93 -13.26 -18.69 17.56
CA THR H 93 -13.88 -17.48 17.01
C THR H 93 -12.96 -16.81 16.00
N ALA H 94 -11.65 -16.80 16.27
CA ALA H 94 -10.70 -16.22 15.32
C ALA H 94 -10.71 -16.99 14.00
N VAL H 95 -10.76 -18.32 14.06
CA VAL H 95 -10.81 -19.13 12.85
C VAL H 95 -12.09 -18.86 12.08
N ARG H 96 -13.22 -18.77 12.80
CA ARG H 96 -14.48 -18.45 12.14
C ARG H 96 -14.44 -17.07 11.50
N LEU H 97 -13.72 -16.13 12.10
CA LEU H 97 -13.60 -14.80 11.52
C LEU H 97 -12.72 -14.80 10.28
N LEU H 98 -11.61 -15.53 10.33
CA LEU H 98 -10.63 -15.47 9.24
C LEU H 98 -11.00 -16.37 8.07
N LEU H 99 -11.06 -17.67 8.30
CA LEU H 99 -11.25 -18.61 7.20
C LEU H 99 -12.67 -18.49 6.67
N PRO H 100 -12.84 -18.41 5.35
CA PRO H 100 -14.18 -18.24 4.79
C PRO H 100 -14.85 -19.54 4.39
N GLY H 101 -16.18 -19.56 4.49
CA GLY H 101 -16.97 -20.65 3.94
C GLY H 101 -16.69 -21.99 4.59
N GLU H 102 -16.54 -23.02 3.75
CA GLU H 102 -16.34 -24.38 4.26
C GLU H 102 -15.04 -24.51 5.04
N LEU H 103 -14.05 -23.65 4.73
CA LEU H 103 -12.79 -23.70 5.46
C LEU H 103 -13.01 -23.46 6.94
N ALA H 104 -13.81 -22.45 7.28
CA ALA H 104 -14.08 -22.17 8.68
C ALA H 104 -14.78 -23.34 9.36
N LYS H 105 -15.80 -23.92 8.68
CA LYS H 105 -16.55 -25.02 9.27
C LYS H 105 -15.65 -26.21 9.54
N HIS H 106 -14.84 -26.61 8.56
CA HIS H 106 -14.03 -27.80 8.71
C HIS H 106 -12.87 -27.57 9.68
N ALA H 107 -12.27 -26.37 9.65
CA ALA H 107 -11.22 -26.07 10.61
C ALA H 107 -11.75 -26.07 12.03
N VAL H 108 -12.94 -25.49 12.25
CA VAL H 108 -13.54 -25.50 13.57
C VAL H 108 -13.85 -26.92 14.01
N SER H 109 -14.40 -27.74 13.10
CA SER H 109 -14.72 -29.12 13.46
C SER H 109 -13.47 -29.89 13.85
N GLU H 110 -12.39 -29.73 13.09
CA GLU H 110 -11.20 -30.54 13.37
C GLU H 110 -10.44 -30.02 14.58
N GLY H 111 -10.46 -28.70 14.82
CA GLY H 111 -9.91 -28.18 16.05
C GLY H 111 -10.67 -28.62 17.28
N THR H 112 -12.01 -28.66 17.18
CA THR H 112 -12.81 -29.17 18.30
C THR H 112 -12.54 -30.64 18.53
N LYS H 113 -12.41 -31.42 17.45
CA LYS H 113 -12.03 -32.82 17.60
C LYS H 113 -10.68 -32.96 18.29
N ALA H 114 -9.71 -32.12 17.92
CA ALA H 114 -8.39 -32.19 18.54
C ALA H 114 -8.44 -31.83 20.01
N VAL H 115 -9.18 -30.78 20.37
CA VAL H 115 -9.24 -30.41 21.79
C VAL H 115 -9.99 -31.46 22.59
N THR H 116 -11.02 -32.07 22.00
CA THR H 116 -11.73 -33.16 22.68
C THR H 116 -10.79 -34.34 22.94
N LYS H 117 -10.02 -34.72 21.92
CA LYS H 117 -9.09 -35.84 22.09
C LYS H 117 -8.00 -35.49 23.09
N TYR H 118 -7.54 -34.24 23.09
CA TYR H 118 -6.52 -33.82 24.05
C TYR H 118 -7.03 -33.87 25.47
N THR H 119 -8.26 -33.41 25.70
CA THR H 119 -8.82 -33.43 27.04
C THR H 119 -9.16 -34.86 27.48
N SER H 120 -9.52 -35.73 26.54
CA SER H 120 -9.86 -37.11 26.90
C SER H 120 -8.64 -37.84 27.48
N ALA H 121 -7.46 -37.62 26.90
CA ALA H 121 -6.25 -38.26 27.39
C ALA H 121 -5.51 -37.35 28.35
N PRO K 55 -1.53 32.41 20.90
CA PRO K 55 -0.47 32.33 19.89
C PRO K 55 -0.92 31.64 18.61
N VAL K 56 -2.19 31.20 18.58
CA VAL K 56 -2.83 30.54 17.45
C VAL K 56 -1.84 29.60 16.74
N ARG K 57 -1.34 28.62 17.49
CA ARG K 57 -0.32 27.70 16.98
C ARG K 57 -0.91 26.87 15.84
N ARG K 58 -0.48 27.15 14.62
CA ARG K 58 -0.89 26.43 13.43
C ARG K 58 0.37 25.96 12.71
N SER K 59 0.66 24.66 12.80
CA SER K 59 1.84 24.11 12.17
C SER K 59 1.79 24.27 10.66
N SER K 60 2.92 24.69 10.08
CA SER K 60 3.03 24.90 8.65
C SER K 60 3.58 23.64 8.00
N ARG K 61 2.75 23.00 7.17
CA ARG K 61 3.13 21.75 6.51
C ARG K 61 2.76 21.89 5.03
N LYS K 62 3.77 22.12 4.19
CA LYS K 62 3.55 22.23 2.76
C LYS K 62 3.19 20.87 2.19
N SER K 63 2.13 20.82 1.39
CA SER K 63 1.66 19.55 0.84
C SER K 63 2.68 19.00 -0.15
N LYS K 64 2.52 17.72 -0.49
CA LYS K 64 3.38 17.14 -1.51
C LYS K 64 2.72 17.42 -2.86
N ALA K 65 2.31 18.67 -3.02
CA ALA K 65 1.89 19.24 -4.30
C ALA K 65 2.45 20.63 -4.51
N GLU K 66 2.97 21.27 -3.45
CA GLU K 66 3.62 22.57 -3.53
C GLU K 66 5.13 22.48 -3.37
N LEU K 67 5.63 21.48 -2.64
CA LEU K 67 7.06 21.33 -2.44
C LEU K 67 7.77 21.09 -3.77
N GLN K 68 7.23 20.21 -4.61
CA GLN K 68 7.82 20.02 -5.93
C GLN K 68 7.50 21.19 -6.84
N SER K 69 6.33 21.82 -6.66
CA SER K 69 6.06 23.06 -7.37
C SER K 69 7.02 24.17 -6.94
N GLU K 70 7.24 24.33 -5.65
CA GLU K 70 8.21 25.29 -5.15
C GLU K 70 9.64 24.89 -5.44
N GLU K 71 9.86 23.66 -5.92
CA GLU K 71 11.17 23.20 -6.35
C GLU K 71 11.35 23.25 -7.86
N ARG K 72 10.30 22.99 -8.64
CA ARG K 72 10.42 23.09 -10.09
C ARG K 72 10.75 24.52 -10.52
N LYS K 73 10.04 25.51 -9.96
CA LYS K 73 10.36 26.90 -10.26
C LYS K 73 11.63 27.37 -9.57
N ARG K 74 12.04 26.74 -8.46
CA ARG K 74 13.31 27.08 -7.85
C ARG K 74 14.50 26.51 -8.63
N ILE K 75 14.26 25.50 -9.46
CA ILE K 75 15.30 24.94 -10.32
C ILE K 75 15.33 25.63 -11.69
N ASP K 76 14.15 25.81 -12.30
CA ASP K 76 14.14 26.37 -13.66
C ASP K 76 14.62 27.81 -13.68
N GLU K 77 14.65 28.49 -12.53
CA GLU K 77 15.16 29.85 -12.49
C GLU K 77 16.67 29.92 -12.66
N LEU K 78 17.37 28.77 -12.69
CA LEU K 78 18.71 28.72 -13.24
C LEU K 78 18.75 28.15 -14.65
N ILE K 79 17.60 27.77 -15.22
CA ILE K 79 17.58 27.19 -16.56
C ILE K 79 17.43 28.28 -17.62
N GLU K 80 16.33 29.03 -17.57
CA GLU K 80 16.16 30.11 -18.54
C GLU K 80 17.13 31.25 -18.26
N SER K 81 17.67 31.33 -17.06
CA SER K 81 18.71 32.28 -16.73
C SER K 81 20.09 31.61 -16.82
N GLY K 82 21.12 32.44 -16.95
CA GLY K 82 22.48 31.93 -17.03
C GLY K 82 23.25 32.15 -15.74
N LYS K 83 22.57 32.08 -14.61
CA LYS K 83 23.19 32.34 -13.31
C LYS K 83 23.97 31.11 -12.88
N GLU K 84 25.16 30.97 -13.45
CA GLU K 84 26.05 29.84 -13.19
C GLU K 84 27.13 30.23 -12.18
N GLU K 85 26.74 30.36 -10.91
CA GLU K 85 27.66 30.77 -9.87
C GLU K 85 28.19 29.56 -9.10
N GLY K 86 29.14 29.83 -8.21
CA GLY K 86 29.67 28.82 -7.31
C GLY K 86 30.67 27.87 -7.93
N MET K 87 31.21 28.19 -9.10
CA MET K 87 32.12 27.29 -9.81
C MET K 87 33.15 28.11 -10.59
N LYS K 88 34.26 27.45 -10.94
CA LYS K 88 35.34 28.11 -11.65
C LYS K 88 35.91 27.16 -12.70
N ILE K 89 36.65 27.74 -13.64
CA ILE K 89 37.30 27.00 -14.72
C ILE K 89 38.76 26.79 -14.34
N ASP K 90 39.24 25.55 -14.51
CA ASP K 90 40.61 25.21 -14.18
C ASP K 90 41.17 24.29 -15.25
N LEU K 91 42.48 24.03 -15.17
CA LEU K 91 43.14 23.09 -16.06
C LEU K 91 43.51 21.84 -15.27
N ILE K 92 43.08 20.68 -15.76
CA ILE K 92 43.32 19.40 -15.13
C ILE K 92 44.21 18.58 -16.06
N ASP K 93 45.22 17.92 -15.49
CA ASP K 93 46.16 17.16 -16.29
C ASP K 93 45.45 16.08 -17.11
N GLY K 94 45.80 16.02 -18.39
CA GLY K 94 45.18 15.07 -19.31
C GLY K 94 43.75 15.37 -19.70
N LYS K 95 43.06 16.26 -18.97
CA LYS K 95 41.66 16.56 -19.24
C LYS K 95 41.44 17.95 -19.81
N GLY K 96 42.38 18.86 -19.67
CA GLY K 96 42.20 20.20 -20.21
C GLY K 96 41.29 21.02 -19.33
N ARG K 97 40.39 21.78 -19.95
CA ARG K 97 39.46 22.61 -19.21
C ARG K 97 38.50 21.77 -18.38
N GLY K 98 38.29 22.19 -17.14
CA GLY K 98 37.42 21.48 -16.23
C GLY K 98 36.79 22.42 -15.23
N VAL K 99 35.83 21.89 -14.49
CA VAL K 99 35.00 22.65 -13.57
C VAL K 99 35.43 22.32 -12.14
N ILE K 100 35.62 23.35 -11.33
CA ILE K 100 35.97 23.20 -9.91
C ILE K 100 34.91 23.90 -9.07
N ALA K 101 34.40 23.20 -8.05
CA ALA K 101 33.41 23.77 -7.17
C ALA K 101 34.06 24.67 -6.13
N THR K 102 33.66 25.94 -6.12
CA THR K 102 34.20 26.91 -5.18
C THR K 102 33.38 27.03 -3.90
N LYS K 103 32.26 26.31 -3.79
CA LYS K 103 31.42 26.38 -2.61
C LYS K 103 30.80 25.01 -2.36
N GLN K 104 30.36 24.80 -1.13
CA GLN K 104 29.83 23.50 -0.72
C GLN K 104 28.54 23.19 -1.45
N PHE K 105 28.43 21.95 -1.93
CA PHE K 105 27.24 21.44 -2.60
C PHE K 105 26.69 20.25 -1.83
N SER K 106 25.38 20.26 -1.57
CA SER K 106 24.71 19.13 -0.97
C SER K 106 24.04 18.29 -2.05
N ARG K 107 23.57 17.10 -1.66
CA ARG K 107 22.89 16.23 -2.61
C ARG K 107 21.55 16.84 -2.99
N GLY K 108 21.21 16.76 -4.28
CA GLY K 108 20.02 17.38 -4.80
C GLY K 108 20.16 18.86 -5.13
N ASP K 109 21.27 19.49 -4.75
CA ASP K 109 21.50 20.88 -5.11
C ASP K 109 21.88 20.98 -6.58
N PHE K 110 21.27 21.94 -7.27
CA PHE K 110 21.55 22.14 -8.68
C PHE K 110 23.00 22.54 -8.87
N VAL K 111 23.70 21.89 -9.79
CA VAL K 111 25.11 22.20 -10.03
C VAL K 111 25.23 23.11 -11.24
N VAL K 112 24.85 22.62 -12.43
CA VAL K 112 25.02 23.43 -13.63
C VAL K 112 24.18 22.85 -14.76
N GLU K 113 23.62 23.72 -15.59
CA GLU K 113 22.85 23.26 -16.75
C GLU K 113 23.76 22.98 -17.93
N TYR K 114 23.47 21.90 -18.65
CA TYR K 114 24.16 21.55 -19.89
C TYR K 114 23.42 22.23 -21.03
N HIS K 115 23.85 23.44 -21.36
CA HIS K 115 23.16 24.25 -22.36
C HIS K 115 23.77 24.03 -23.75
N GLY K 116 22.92 24.13 -24.77
CA GLY K 116 23.39 24.00 -26.13
C GLY K 116 22.21 24.03 -27.07
N ASP K 117 22.50 23.81 -28.35
CA ASP K 117 21.46 23.81 -29.38
C ASP K 117 20.68 22.50 -29.29
N LEU K 118 19.36 22.63 -29.10
CA LEU K 118 18.47 21.47 -29.07
C LEU K 118 18.16 21.07 -30.51
N ILE K 119 18.55 19.84 -30.88
CA ILE K 119 18.47 19.38 -32.26
C ILE K 119 17.79 18.01 -32.32
N GLU K 120 17.35 17.67 -33.51
CA GLU K 120 16.76 16.37 -33.81
C GLU K 120 17.86 15.39 -34.22
N ILE K 121 17.48 14.11 -34.35
CA ILE K 121 18.46 13.08 -34.67
C ILE K 121 18.91 13.19 -36.13
N THR K 122 18.04 13.68 -37.02
CA THR K 122 18.36 13.69 -38.45
C THR K 122 19.51 14.65 -38.76
N ASP K 123 19.54 15.79 -38.08
CA ASP K 123 20.71 16.67 -38.13
C ASP K 123 21.80 16.16 -37.19
N ALA K 124 21.42 15.41 -36.17
CA ALA K 124 22.39 14.91 -35.21
C ALA K 124 23.41 14.00 -35.87
N LYS K 125 22.94 13.08 -36.70
CA LYS K 125 23.85 12.12 -37.33
C LYS K 125 24.78 12.81 -38.33
N LYS K 126 24.25 13.76 -39.10
CA LYS K 126 25.09 14.49 -40.04
C LYS K 126 26.18 15.28 -39.32
N ARG K 127 25.82 15.97 -38.22
CA ARG K 127 26.83 16.72 -37.49
C ARG K 127 27.83 15.79 -36.81
N GLU K 128 27.38 14.62 -36.35
CA GLU K 128 28.31 13.64 -35.78
C GLU K 128 29.31 13.17 -36.83
N ALA K 129 28.84 12.92 -38.06
CA ALA K 129 29.76 12.59 -39.13
C ALA K 129 30.74 13.73 -39.40
N LEU K 130 30.24 14.97 -39.37
CA LEU K 130 31.10 16.12 -39.58
C LEU K 130 32.20 16.20 -38.53
N TYR K 131 31.85 16.00 -37.25
CA TYR K 131 32.88 16.01 -36.21
C TYR K 131 33.80 14.81 -36.30
N ALA K 132 33.31 13.67 -36.81
CA ALA K 132 34.19 12.53 -37.02
C ALA K 132 35.23 12.83 -38.10
N GLN K 133 34.83 13.53 -39.16
CA GLN K 133 35.76 13.86 -40.23
C GLN K 133 36.88 14.77 -39.73
N ASP K 134 36.53 15.77 -38.91
CA ASP K 134 37.52 16.72 -38.42
C ASP K 134 37.99 16.30 -37.03
N PRO K 135 39.22 15.81 -36.87
CA PRO K 135 39.66 15.35 -35.54
C PRO K 135 39.77 16.46 -34.51
N SER K 136 40.15 17.68 -34.94
CA SER K 136 40.37 18.76 -33.99
C SER K 136 39.09 19.43 -33.51
N THR K 137 37.95 19.15 -34.16
CA THR K 137 36.69 19.76 -33.73
C THR K 137 36.28 19.28 -32.34
N GLY K 138 36.42 17.99 -32.08
CA GLY K 138 36.03 17.41 -30.81
C GLY K 138 34.58 16.95 -30.79
N CYS K 139 34.25 16.22 -29.73
CA CYS K 139 32.91 15.65 -29.54
C CYS K 139 32.30 16.28 -28.29
N TYR K 140 31.48 17.31 -28.47
CA TYR K 140 30.82 18.01 -27.38
C TYR K 140 29.31 17.77 -27.38
N MET K 141 28.85 16.86 -28.24
CA MET K 141 27.45 16.62 -28.50
C MET K 141 26.93 15.53 -27.57
N TYR K 142 25.61 15.50 -27.31
CA TYR K 142 25.10 14.66 -26.23
C TYR K 142 23.64 14.33 -26.44
N TYR K 143 23.33 13.05 -26.69
CA TYR K 143 21.99 12.59 -27.03
C TYR K 143 21.14 12.41 -25.79
N PHE K 144 19.82 12.31 -25.98
CA PHE K 144 18.91 11.95 -24.90
C PHE K 144 17.55 11.58 -25.49
N GLN K 145 16.68 11.09 -24.61
CA GLN K 145 15.33 10.68 -24.95
C GLN K 145 14.33 11.47 -24.12
N TYR K 146 13.15 11.73 -24.70
CA TYR K 146 12.12 12.50 -24.03
C TYR K 146 10.76 12.03 -24.52
N LEU K 147 9.90 11.64 -23.58
CA LEU K 147 8.59 11.07 -23.89
C LEU K 147 8.72 9.91 -24.88
N SER K 148 8.32 10.14 -26.12
CA SER K 148 8.34 9.11 -27.16
C SER K 148 9.28 9.43 -28.31
N LYS K 149 10.15 10.43 -28.17
CA LYS K 149 11.05 10.81 -29.23
C LYS K 149 12.44 11.11 -28.69
N THR K 150 13.44 10.85 -29.51
CA THR K 150 14.82 11.15 -29.17
C THR K 150 15.16 12.57 -29.62
N TYR K 151 16.08 13.20 -28.87
CA TYR K 151 16.56 14.54 -29.19
C TYR K 151 18.04 14.60 -28.78
N CYS K 152 18.66 15.77 -28.99
CA CYS K 152 20.06 15.90 -28.66
C CYS K 152 20.40 17.35 -28.38
N VAL K 153 21.56 17.55 -27.75
CA VAL K 153 22.10 18.86 -27.49
C VAL K 153 23.49 18.95 -28.10
N ASP K 154 23.74 20.03 -28.84
CA ASP K 154 25.04 20.29 -29.45
C ASP K 154 25.69 21.46 -28.72
N ALA K 155 26.89 21.22 -28.21
CA ALA K 155 27.66 22.24 -27.51
C ALA K 155 29.06 22.42 -28.10
N THR K 156 29.23 22.04 -29.38
CA THR K 156 30.53 22.16 -30.02
C THR K 156 30.94 23.63 -30.19
N ARG K 157 29.98 24.50 -30.43
CA ARG K 157 30.27 25.92 -30.59
C ARG K 157 30.80 26.49 -29.28
N GLU K 158 32.04 26.97 -29.31
CA GLU K 158 32.71 27.45 -28.10
C GLU K 158 32.04 28.73 -27.62
N THR K 159 31.30 28.62 -26.51
CA THR K 159 30.63 29.78 -25.93
C THR K 159 31.00 29.91 -24.45
N ASN K 160 30.31 30.80 -23.74
CA ASN K 160 30.52 30.99 -22.31
C ASN K 160 29.74 29.99 -21.47
N ARG K 161 28.93 29.14 -22.09
CA ARG K 161 28.21 28.11 -21.34
C ARG K 161 29.20 27.11 -20.76
N LEU K 162 28.97 26.72 -19.51
CA LEU K 162 29.97 26.00 -18.74
C LEU K 162 29.59 24.56 -18.42
N GLY K 163 28.40 24.12 -18.84
CA GLY K 163 28.05 22.71 -18.67
C GLY K 163 28.76 21.82 -19.66
N ARG K 164 29.22 22.40 -20.77
CA ARG K 164 29.92 21.65 -21.81
C ARG K 164 31.36 21.30 -21.42
N LEU K 165 31.97 22.07 -20.52
CA LEU K 165 33.38 21.94 -20.19
C LEU K 165 33.64 20.94 -19.06
N ILE K 166 32.75 19.97 -18.88
CA ILE K 166 32.85 19.04 -17.75
C ILE K 166 33.39 17.71 -18.24
N ASN K 167 34.34 17.15 -17.50
CA ASN K 167 35.04 15.94 -17.89
C ASN K 167 34.18 14.72 -17.56
N HIS K 168 34.79 13.53 -17.65
CA HIS K 168 34.09 12.26 -17.50
C HIS K 168 34.69 11.45 -16.36
N SER K 169 33.82 10.70 -15.67
CA SER K 169 34.26 9.75 -14.65
C SER K 169 33.12 8.80 -14.30
N LYS K 170 33.41 7.49 -14.26
CA LYS K 170 32.41 6.52 -13.85
C LYS K 170 32.17 6.51 -12.34
N CYS K 171 33.12 7.03 -11.57
CA CYS K 171 32.98 7.16 -10.12
C CYS K 171 32.91 8.63 -9.73
N GLY K 172 32.17 9.42 -10.52
CA GLY K 172 32.07 10.84 -10.31
C GLY K 172 31.13 11.20 -9.18
N ASN K 173 30.81 12.48 -9.12
CA ASN K 173 30.01 13.04 -8.03
C ASN K 173 28.70 13.66 -8.51
N CYS K 174 28.37 13.58 -9.80
CA CYS K 174 27.20 14.25 -10.33
C CYS K 174 26.58 13.40 -11.43
N GLN K 175 25.29 13.67 -11.69
CA GLN K 175 24.55 12.95 -12.72
C GLN K 175 23.69 13.94 -13.50
N THR K 176 23.40 13.58 -14.74
CA THR K 176 22.56 14.39 -15.61
C THR K 176 21.10 13.96 -15.51
N LYS K 177 20.21 14.94 -15.39
CA LYS K 177 18.78 14.67 -15.29
C LYS K 177 18.03 15.59 -16.23
N LEU K 178 16.87 15.12 -16.66
CA LEU K 178 15.98 15.87 -17.52
C LEU K 178 15.12 16.82 -16.71
N HIS K 179 14.79 17.96 -17.32
CA HIS K 179 13.86 18.91 -16.72
C HIS K 179 12.96 19.44 -17.83
N ASP K 180 11.66 19.23 -17.68
CA ASP K 180 10.68 19.61 -18.69
C ASP K 180 10.13 21.00 -18.37
N ILE K 181 10.17 21.89 -19.36
CA ILE K 181 9.61 23.23 -19.24
C ILE K 181 8.75 23.46 -20.48
N ASP K 182 7.43 23.34 -20.31
CA ASP K 182 6.48 23.49 -21.41
C ASP K 182 6.81 22.57 -22.58
N GLY K 183 7.21 21.34 -22.25
CA GLY K 183 7.59 20.37 -23.26
C GLY K 183 9.01 20.51 -23.77
N VAL K 184 9.76 21.49 -23.31
CA VAL K 184 11.14 21.69 -23.72
C VAL K 184 12.05 20.97 -22.73
N PRO K 185 12.82 19.97 -23.16
CA PRO K 185 13.76 19.32 -22.25
C PRO K 185 14.99 20.20 -22.02
N HIS K 186 15.53 20.10 -20.81
CA HIS K 186 16.82 20.70 -20.49
C HIS K 186 17.59 19.72 -19.62
N LEU K 187 18.86 19.51 -19.96
CA LEU K 187 19.69 18.52 -19.29
C LEU K 187 20.56 19.22 -18.26
N ILE K 188 20.40 18.85 -16.99
CA ILE K 188 21.03 19.56 -15.89
C ILE K 188 21.88 18.57 -15.09
N LEU K 189 23.13 18.96 -14.82
CA LEU K 189 24.02 18.18 -13.98
C LEU K 189 23.79 18.58 -12.53
N ILE K 190 23.48 17.58 -11.70
CA ILE K 190 23.11 17.75 -10.30
C ILE K 190 24.04 16.88 -9.46
N ALA K 191 24.38 17.37 -8.27
CA ALA K 191 25.30 16.64 -7.40
C ALA K 191 24.65 15.39 -6.83
N SER K 192 25.36 14.27 -6.90
CA SER K 192 24.86 13.00 -6.38
C SER K 192 25.15 12.80 -4.90
N ARG K 193 25.98 13.65 -4.30
CA ARG K 193 26.34 13.52 -2.90
C ARG K 193 26.94 14.83 -2.42
N ASP K 194 27.20 14.91 -1.13
CA ASP K 194 27.74 16.13 -0.53
C ASP K 194 29.15 16.39 -1.06
N ILE K 195 29.34 17.54 -1.69
CA ILE K 195 30.61 17.92 -2.29
C ILE K 195 31.14 19.15 -1.57
N ALA K 196 32.37 19.07 -1.08
CA ALA K 196 33.03 20.23 -0.51
C ALA K 196 33.68 21.07 -1.61
N ALA K 197 34.01 22.31 -1.27
CA ALA K 197 34.62 23.21 -2.25
C ALA K 197 35.99 22.70 -2.66
N GLY K 198 36.33 22.92 -3.93
CA GLY K 198 37.62 22.56 -4.47
C GLY K 198 37.65 21.28 -5.28
N GLU K 199 36.61 20.46 -5.19
CA GLU K 199 36.58 19.22 -5.96
C GLU K 199 36.29 19.52 -7.44
N GLU K 200 36.77 18.63 -8.31
CA GLU K 200 36.48 18.73 -9.73
C GLU K 200 35.14 18.06 -10.04
N LEU K 201 34.30 18.74 -10.80
CA LEU K 201 32.99 18.20 -11.14
C LEU K 201 33.13 17.14 -12.22
N LEU K 202 32.56 15.96 -11.98
CA LEU K 202 32.68 14.84 -12.89
C LEU K 202 31.36 14.09 -12.97
N TYR K 203 31.12 13.46 -14.12
CA TYR K 203 29.92 12.65 -14.31
C TYR K 203 30.24 11.57 -15.34
N ASP K 204 29.25 10.72 -15.59
CA ASP K 204 29.40 9.61 -16.53
C ASP K 204 28.90 10.04 -17.90
N TYR K 205 29.76 9.95 -18.90
CA TYR K 205 29.39 10.35 -20.26
C TYR K 205 28.32 9.44 -20.85
N GLY K 206 28.05 8.30 -20.24
CA GLY K 206 27.09 7.36 -20.76
C GLY K 206 27.50 6.76 -22.10
N ASP K 207 28.79 6.41 -22.22
CA ASP K 207 29.29 5.73 -23.41
C ASP K 207 30.09 4.50 -22.95
N ARG K 208 29.38 3.41 -22.70
CA ARG K 208 29.99 2.11 -22.45
C ARG K 208 30.00 1.24 -23.71
N SER K 209 30.48 1.83 -24.80
CA SER K 209 30.55 1.15 -26.09
C SER K 209 31.95 0.60 -26.33
N LYS K 210 32.04 -0.40 -27.20
CA LYS K 210 33.34 -1.00 -27.51
C LYS K 210 34.25 -0.03 -28.25
N ALA K 211 33.73 0.60 -29.30
CA ALA K 211 34.53 1.49 -30.14
C ALA K 211 34.84 2.82 -29.48
N SER K 212 33.95 3.33 -28.63
CA SER K 212 34.21 4.60 -27.95
C SER K 212 35.41 4.48 -27.01
N ILE K 213 35.51 3.34 -26.31
CA ILE K 213 36.62 3.11 -25.40
C ILE K 213 37.96 3.05 -26.15
N GLU K 214 37.94 2.66 -27.43
CA GLU K 214 39.17 2.58 -28.20
C GLU K 214 39.86 3.93 -28.29
N ALA K 215 39.08 5.00 -28.52
CA ALA K 215 39.66 6.33 -28.69
C ALA K 215 39.97 6.97 -27.34
N HIS K 216 39.04 6.87 -26.39
CA HIS K 216 39.14 7.57 -25.12
C HIS K 216 39.03 6.56 -23.98
N PRO K 217 40.12 5.88 -23.60
CA PRO K 217 40.07 4.84 -22.56
C PRO K 217 40.29 5.32 -21.13
N TRP K 218 39.52 6.34 -20.72
CA TRP K 218 39.59 6.82 -19.34
C TRP K 218 38.44 6.25 -18.51
N LEU K 219 38.50 4.96 -18.19
CA LEU K 219 37.48 4.35 -17.34
C LEU K 219 37.47 4.96 -15.94
N LYS K 220 38.54 4.74 -15.19
CA LYS K 220 38.61 5.17 -13.79
C LYS K 220 40.05 5.52 -13.45
N HIS K 221 40.21 6.40 -12.47
CA HIS K 221 41.53 6.82 -11.98
C HIS K 221 42.42 7.34 -13.10
#